data_8JFU
#
_entry.id   8JFU
#
_cell.length_a   110.604
_cell.length_b   131.388
_cell.length_c   234.183
_cell.angle_alpha   90.000
_cell.angle_beta   90.000
_cell.angle_gamma   90.000
#
_symmetry.space_group_name_H-M   'C 2 2 21'
#
loop_
_entity.id
_entity.type
_entity.pdbx_description
1 polymer AcrIIA15
2 polymer "DNA (5'-D(*AP*TP*TP*AP*TP*GP*AP*CP*AP*AP*AP*TP*GP*TP*CP*AP*TP*AP*G)-3')"
3 polymer "DNA (5'-D(*TP*CP*TP*AP*TP*GP*AP*CP*AP*TP*TP*TP*GP*TP*CP*AP*TP*AP*A)-3')"
#
loop_
_entity_poly.entity_id
_entity_poly.type
_entity_poly.pdbx_seq_one_letter_code
_entity_poly.pdbx_strand_id
1 'polypeptide(L)'
;SMRKTIERLLNSELSSNSIAVRTGVSQAVISKLRNGKKELGNLTLNSAEKLFEYQKEMEKVDTWIVYRGRTADMNKSYIA
EGSTYEEVYNNFVDKYGYDVLDEDIYEIQLLKKNGENLDDYDVDSDGINNYDKLDEFRESDYVDLEDYDYRELFENSSSQ
VYYHEFEITHE
;
B,D,A,C
2 'polydeoxyribonucleotide' (DA)(DT)(DT)(DA)(DT)(DG)(DA)(DC)(DA)(DA)(DA)(DT)(DG)(DT)(DC)(DA)(DT)(DA)(DG) E,G
3 'polydeoxyribonucleotide' (DT)(DC)(DT)(DA)(DT)(DG)(DA)(DC)(DA)(DT)(DT)(DT)(DG)(DT)(DC)(DA)(DT)(DA)(DA) F,H
#
loop_
_chem_comp.id
_chem_comp.type
_chem_comp.name
_chem_comp.formula
DA DNA linking 2'-DEOXYADENOSINE-5'-MONOPHOSPHATE 'C10 H14 N5 O6 P'
DC DNA linking 2'-DEOXYCYTIDINE-5'-MONOPHOSPHATE 'C9 H14 N3 O7 P'
DG DNA linking 2'-DEOXYGUANOSINE-5'-MONOPHOSPHATE 'C10 H14 N5 O7 P'
DT DNA linking THYMIDINE-5'-MONOPHOSPHATE 'C10 H15 N2 O8 P'
#
# COMPACT_ATOMS: atom_id res chain seq x y z
N SER A 1 1.82 12.85 33.35
CA SER A 1 2.87 12.15 32.62
C SER A 1 3.29 12.90 31.36
N MET A 2 2.44 12.95 30.33
CA MET A 2 2.76 13.76 29.16
C MET A 2 2.53 15.22 29.52
N ARG A 3 3.61 16.00 29.58
CA ARG A 3 3.46 17.41 29.89
C ARG A 3 2.65 18.12 28.81
N LYS A 4 2.66 17.58 27.60
CA LYS A 4 1.85 18.17 26.50
C LYS A 4 0.38 18.06 26.85
N THR A 5 -0.10 16.89 27.28
CA THR A 5 -1.54 16.68 27.56
C THR A 5 -2.01 17.56 28.73
N ILE A 6 -1.21 17.67 29.79
CA ILE A 6 -1.54 18.54 30.95
C ILE A 6 -1.49 20.01 30.50
N GLU A 7 -0.56 20.35 29.61
CA GLU A 7 -0.54 21.73 29.05
C GLU A 7 -1.84 21.98 28.29
N ARG A 8 -2.34 20.98 27.56
CA ARG A 8 -3.63 21.09 26.84
C ARG A 8 -4.76 21.26 27.86
N LEU A 9 -4.64 20.71 29.07
CA LEU A 9 -5.67 20.92 30.12
C LEU A 9 -5.72 22.41 30.53
N LEU A 10 -4.56 23.03 30.72
CA LEU A 10 -4.53 24.48 31.05
C LEU A 10 -5.13 25.27 29.89
N ASN A 11 -4.85 24.86 28.65
CA ASN A 11 -5.43 25.52 27.45
C ASN A 11 -6.95 25.36 27.46
N SER A 12 -7.45 24.26 28.03
CA SER A 12 -8.91 23.99 28.06
C SER A 12 -9.64 25.07 28.87
N GLU A 13 -10.90 25.34 28.52
CA GLU A 13 -11.68 26.41 29.20
C GLU A 13 -12.45 25.80 30.38
N LEU A 14 -12.22 24.52 30.66
CA LEU A 14 -12.90 23.84 31.80
C LEU A 14 -12.49 24.54 33.08
N SER A 15 -13.42 24.66 34.04
CA SER A 15 -13.16 25.42 35.28
C SER A 15 -12.04 24.79 36.11
N SER A 16 -11.25 25.63 36.79
CA SER A 16 -10.15 25.13 37.66
C SER A 16 -10.74 24.27 38.78
N ASN A 17 -11.91 24.65 39.30
CA ASN A 17 -12.60 23.82 40.33
C ASN A 17 -13.11 22.53 39.69
N SER A 18 -13.56 22.58 38.42
CA SER A 18 -13.96 21.36 37.73
C SER A 18 -12.78 20.42 37.56
N ILE A 19 -11.63 20.96 37.14
CA ILE A 19 -10.42 20.17 37.07
C ILE A 19 -10.03 19.64 38.44
N ALA A 20 -10.18 20.49 39.46
CA ALA A 20 -9.81 20.08 40.82
C ALA A 20 -10.62 18.88 41.26
N VAL A 21 -11.91 18.86 40.95
CA VAL A 21 -12.74 17.73 41.46
C VAL A 21 -12.53 16.51 40.56
N ARG A 22 -12.38 16.72 39.24
CA ARG A 22 -12.23 15.59 38.29
C ARG A 22 -10.94 14.81 38.51
N THR A 23 -9.83 15.49 38.79
CA THR A 23 -8.51 14.82 38.92
C THR A 23 -8.19 14.51 40.37
N GLY A 24 -8.49 15.44 41.27
CA GLY A 24 -8.14 15.31 42.67
C GLY A 24 -7.12 16.31 43.11
N VAL A 25 -6.52 17.04 42.16
CA VAL A 25 -5.55 18.08 42.46
C VAL A 25 -6.30 19.33 42.91
N SER A 26 -5.71 20.08 43.84
CA SER A 26 -6.40 21.21 44.42
C SER A 26 -6.61 22.33 43.41
N GLN A 27 -7.67 23.10 43.61
CA GLN A 27 -7.89 24.26 42.77
C GLN A 27 -6.76 25.26 42.90
N ALA A 28 -6.14 25.35 44.08
CA ALA A 28 -5.01 26.26 44.29
C ALA A 28 -3.88 25.96 43.29
N VAL A 29 -3.49 24.70 43.17
CA VAL A 29 -2.42 24.33 42.25
C VAL A 29 -2.81 24.67 40.82
N ILE A 30 -4.04 24.33 40.42
CA ILE A 30 -4.47 24.56 39.03
C ILE A 30 -4.48 26.06 38.73
N SER A 31 -5.01 26.86 39.65
CA SER A 31 -5.06 28.30 39.43
C SER A 31 -3.66 28.90 39.39
N LYS A 32 -2.77 28.48 40.28
CA LYS A 32 -1.41 29.01 40.27
C LYS A 32 -0.64 28.59 39.02
N LEU A 33 -0.91 27.38 38.53
CA LEU A 33 -0.22 26.89 37.30
C LEU A 33 -0.64 27.75 36.11
N ARG A 34 -1.94 27.90 35.89
CA ARG A 34 -2.46 28.69 34.73
C ARG A 34 -2.02 30.14 34.87
N ASN A 35 -2.07 30.68 36.10
CA ASN A 35 -1.64 32.07 36.35
C ASN A 35 -0.14 32.22 36.08
N GLY A 36 0.63 31.14 36.23
CA GLY A 36 2.09 31.18 36.04
C GLY A 36 2.83 31.22 37.35
N LYS A 37 2.09 31.19 38.47
CA LYS A 37 2.73 31.15 39.81
C LYS A 37 3.50 29.85 39.99
N LYS A 38 2.98 28.73 39.47
CA LYS A 38 3.64 27.41 39.62
C LYS A 38 4.06 26.89 38.24
N GLU A 39 5.05 26.00 38.20
CA GLU A 39 5.51 25.40 36.92
C GLU A 39 5.13 23.92 36.89
N LEU A 40 4.67 23.42 35.74
CA LEU A 40 4.23 22.00 35.61
C LEU A 40 5.41 21.08 35.89
N GLY A 41 6.61 21.49 35.47
CA GLY A 41 7.81 20.67 35.71
C GLY A 41 8.06 20.47 37.19
N ASN A 42 7.84 21.50 38.00
CA ASN A 42 8.13 21.42 39.45
C ASN A 42 7.08 20.56 40.16
N LEU A 43 5.95 20.26 39.50
CA LEU A 43 4.84 19.51 40.15
C LEU A 43 5.21 18.04 40.33
N THR A 44 4.49 17.34 41.22
CA THR A 44 4.81 15.92 41.51
C THR A 44 4.23 15.00 40.45
N LEU A 45 4.74 13.76 40.40
CA LEU A 45 4.31 12.80 39.40
C LEU A 45 2.87 12.37 39.64
N ASN A 46 2.47 12.22 40.89
CA ASN A 46 1.12 11.72 41.17
C ASN A 46 0.06 12.68 40.63
N SER A 47 0.17 13.97 40.97
CA SER A 47 -0.83 14.94 40.52
C SER A 47 -0.82 15.07 39.00
N ALA A 48 0.39 15.14 38.41
CA ALA A 48 0.49 15.24 36.96
C ALA A 48 -0.08 14.00 36.28
N GLU A 49 0.12 12.83 36.87
CA GLU A 49 -0.48 11.61 36.35
C GLU A 49 -2.00 11.71 36.36
N LYS A 50 -2.56 12.27 37.43
CA LYS A 50 -4.01 12.44 37.51
C LYS A 50 -4.51 13.32 36.38
N LEU A 51 -3.88 14.47 36.20
CA LEU A 51 -4.32 15.43 35.16
C LEU A 51 -4.20 14.80 33.77
N PHE A 52 -3.07 14.14 33.49
CA PHE A 52 -2.84 13.55 32.14
C PHE A 52 -3.87 12.45 31.85
N GLU A 53 -4.14 11.59 32.81
CA GLU A 53 -5.06 10.46 32.58
C GLU A 53 -6.45 11.01 32.27
N TYR A 54 -6.87 12.03 32.99
CA TYR A 54 -8.24 12.56 32.81
C TYR A 54 -8.38 13.09 31.39
N GLN A 55 -7.43 13.91 30.93
CA GLN A 55 -7.53 14.51 29.57
C GLN A 55 -7.43 13.38 28.55
N LYS A 56 -6.63 12.35 28.83
CA LYS A 56 -6.44 11.26 27.86
C LYS A 56 -7.78 10.55 27.65
N GLU A 57 -8.52 10.30 28.74
CA GLU A 57 -9.84 9.64 28.64
C GLU A 57 -10.79 10.57 27.86
N MET A 58 -10.73 11.87 28.11
CA MET A 58 -11.61 12.84 27.44
C MET A 58 -11.31 12.84 25.93
N GLU A 59 -10.03 12.75 25.56
CA GLU A 59 -9.64 12.82 24.14
C GLU A 59 -9.82 11.46 23.48
N LYS A 60 -10.10 10.41 24.25
CA LYS A 60 -10.18 9.05 23.67
C LYS A 60 -11.26 8.98 22.60
N VAL A 61 -12.38 9.68 22.80
CA VAL A 61 -13.53 9.58 21.84
C VAL A 61 -13.30 10.43 20.60
N ASP A 62 -12.85 11.68 20.75
CA ASP A 62 -12.74 12.59 19.59
C ASP A 62 -11.34 12.60 18.99
N THR A 63 -10.68 11.45 18.92
CA THR A 63 -9.34 11.36 18.37
C THR A 63 -9.35 10.37 17.22
N TRP A 64 -8.91 10.84 16.05
CA TRP A 64 -8.80 9.97 14.88
C TRP A 64 -7.42 10.19 14.26
N ILE A 65 -6.73 9.08 13.99
CA ILE A 65 -5.37 9.10 13.48
C ILE A 65 -5.38 8.52 12.07
N VAL A 66 -4.87 9.29 11.11
CA VAL A 66 -4.75 8.85 9.72
C VAL A 66 -3.27 8.80 9.37
N TYR A 67 -2.76 7.62 9.04
CA TYR A 67 -1.36 7.46 8.71
C TYR A 67 -1.19 7.59 7.20
N ARG A 68 -0.11 8.27 6.80
CA ARG A 68 0.22 8.41 5.39
C ARG A 68 1.65 7.93 5.18
N GLY A 69 1.86 7.12 4.14
CA GLY A 69 3.20 6.61 3.83
C GLY A 69 3.47 6.66 2.34
N ARG A 70 4.69 7.00 1.94
CA ARG A 70 5.01 7.11 0.49
C ARG A 70 6.19 6.21 0.13
N THR A 71 6.05 5.39 -0.90
CA THR A 71 7.17 4.54 -1.38
C THR A 71 7.93 5.30 -2.47
N ALA A 72 8.90 4.63 -3.10
CA ALA A 72 9.70 5.28 -4.15
C ALA A 72 8.81 5.72 -5.31
N ASP A 73 7.89 4.86 -5.74
CA ASP A 73 6.95 5.25 -6.82
C ASP A 73 5.91 6.23 -6.25
N MET A 74 5.60 7.28 -7.01
CA MET A 74 4.58 8.26 -6.57
C MET A 74 3.24 7.55 -6.43
N ASN A 75 2.99 6.58 -7.32
CA ASN A 75 1.68 5.88 -7.33
C ASN A 75 1.41 5.17 -6.00
N LYS A 76 2.43 4.54 -5.40
CA LYS A 76 2.15 3.74 -4.18
C LYS A 76 2.01 4.65 -2.97
N SER A 77 0.84 4.61 -2.32
CA SER A 77 0.61 5.41 -1.08
C SER A 77 -0.03 4.49 -0.04
N TYR A 78 0.42 4.56 1.21
CA TYR A 78 -0.10 3.65 2.26
C TYR A 78 -0.82 4.49 3.31
N ILE A 79 -2.13 4.26 3.49
CA ILE A 79 -2.92 5.06 4.41
C ILE A 79 -3.68 4.12 5.32
N ALA A 80 -3.71 4.44 6.61
CA ALA A 80 -4.40 3.65 7.60
C ALA A 80 -5.11 4.60 8.54
N GLU A 81 -6.14 4.07 9.20
CA GLU A 81 -7.00 4.90 10.04
C GLU A 81 -7.36 4.17 11.33
N GLY A 82 -7.45 4.92 12.42
CA GLY A 82 -7.87 4.36 13.69
C GLY A 82 -7.86 5.42 14.78
N SER A 83 -8.62 5.14 15.85
CA SER A 83 -8.65 6.06 16.98
C SER A 83 -7.49 5.85 17.94
N THR A 84 -6.84 4.69 17.84
CA THR A 84 -5.65 4.39 18.67
C THR A 84 -4.51 4.01 17.71
N TYR A 85 -3.26 4.14 18.16
CA TYR A 85 -2.10 3.81 17.30
C TYR A 85 -2.13 2.32 16.97
N GLU A 86 -2.48 1.49 17.96
CA GLU A 86 -2.55 0.02 17.74
C GLU A 86 -3.61 -0.29 16.70
N GLU A 87 -4.75 0.40 16.76
CA GLU A 87 -5.84 0.20 15.78
C GLU A 87 -5.30 0.54 14.40
N VAL A 88 -4.59 1.66 14.29
CA VAL A 88 -4.02 2.03 12.99
C VAL A 88 -3.12 0.92 12.47
N TYR A 89 -2.30 0.33 13.35
CA TYR A 89 -1.40 -0.73 12.92
C TYR A 89 -2.18 -1.96 12.43
N ASN A 90 -3.21 -2.36 13.18
CA ASN A 90 -4.01 -3.51 12.75
C ASN A 90 -4.76 -3.23 11.46
N ASN A 91 -5.33 -2.03 11.33
CA ASN A 91 -5.99 -1.64 10.08
C ASN A 91 -5.01 -1.68 8.91
N PHE A 92 -3.78 -1.22 9.15
CA PHE A 92 -2.77 -1.24 8.10
C PHE A 92 -2.42 -2.68 7.70
N VAL A 93 -2.21 -3.56 8.68
CA VAL A 93 -1.75 -4.91 8.35
C VAL A 93 -2.85 -5.71 7.65
N ASP A 94 -4.12 -5.53 8.04
CA ASP A 94 -5.17 -6.23 7.29
C ASP A 94 -5.36 -5.58 5.92
N LYS A 95 -5.32 -4.25 5.88
CA LYS A 95 -5.56 -3.51 4.65
C LYS A 95 -4.46 -3.75 3.63
N TYR A 96 -3.19 -3.75 4.05
CA TYR A 96 -2.06 -3.82 3.14
C TYR A 96 -1.22 -5.07 3.30
N GLY A 97 -0.80 -5.41 4.51
CA GLY A 97 -0.03 -6.61 4.73
C GLY A 97 1.17 -6.40 5.64
N TYR A 98 1.59 -7.51 6.27
CA TYR A 98 2.73 -7.46 7.19
C TYR A 98 4.04 -7.17 6.46
N ASP A 99 4.14 -7.58 5.20
CA ASP A 99 5.38 -7.45 4.45
C ASP A 99 5.62 -6.03 3.93
N VAL A 100 4.63 -5.13 4.02
CA VAL A 100 4.84 -3.75 3.60
C VAL A 100 5.84 -3.05 4.52
N LEU A 101 5.67 -3.21 5.84
CA LEU A 101 6.57 -2.65 6.83
C LEU A 101 7.85 -3.47 6.95
N ASP A 102 8.81 -2.97 7.73
CA ASP A 102 10.09 -3.66 7.89
C ASP A 102 9.90 -5.03 8.54
N GLU A 103 10.68 -6.00 8.07
CA GLU A 103 10.55 -7.39 8.47
C GLU A 103 10.65 -7.55 9.99
N ASP A 104 9.61 -8.12 10.57
CA ASP A 104 9.57 -8.44 12.00
C ASP A 104 9.80 -7.20 12.87
N ILE A 105 9.24 -6.07 12.45
CA ILE A 105 9.42 -4.82 13.19
C ILE A 105 8.75 -4.86 14.56
N TYR A 106 7.58 -5.50 14.65
CA TYR A 106 6.86 -5.58 15.92
C TYR A 106 7.68 -6.32 16.98
N GLU A 107 8.19 -7.50 16.61
CA GLU A 107 8.99 -8.29 17.55
C GLU A 107 10.26 -7.57 17.96
N ILE A 108 10.90 -6.87 17.02
CA ILE A 108 12.13 -6.13 17.33
C ILE A 108 11.84 -5.03 18.33
N GLN A 109 10.74 -4.29 18.12
CA GLN A 109 10.37 -3.25 19.07
C GLN A 109 10.10 -3.84 20.45
N LEU A 110 9.38 -4.96 20.50
CA LEU A 110 9.08 -5.59 21.79
C LEU A 110 10.37 -6.03 22.50
N LEU A 111 11.26 -6.70 21.77
CA LEU A 111 12.51 -7.21 22.40
C LEU A 111 13.30 -6.05 23.00
N LYS A 112 13.52 -4.99 22.22
CA LYS A 112 14.36 -3.87 22.69
C LYS A 112 13.69 -3.21 23.90
N LYS A 113 12.37 -3.06 23.86
CA LYS A 113 11.63 -2.42 24.97
C LYS A 113 11.89 -3.24 26.24
N ASN A 114 11.89 -4.56 26.11
CA ASN A 114 12.06 -5.41 27.28
C ASN A 114 13.52 -5.58 27.71
N GLY A 115 14.46 -4.97 27.00
CA GLY A 115 15.86 -5.03 27.40
C GLY A 115 16.63 -6.20 26.87
N GLU A 116 16.10 -6.91 25.88
CA GLU A 116 16.76 -8.07 25.30
C GLU A 116 17.82 -7.67 24.30
N ASN A 117 18.93 -8.43 24.28
CA ASN A 117 20.01 -8.20 23.34
C ASN A 117 19.58 -8.67 21.96
N LEU A 118 19.53 -7.75 21.00
CA LEU A 118 19.12 -8.11 19.65
C LEU A 118 20.10 -9.10 19.02
N ASP A 119 21.38 -9.01 19.38
CA ASP A 119 22.40 -9.90 18.82
C ASP A 119 22.04 -11.36 19.02
N ASP A 120 21.44 -11.70 20.16
CA ASP A 120 21.10 -13.10 20.43
C ASP A 120 20.04 -13.62 19.47
N TYR A 121 19.23 -12.75 18.90
CA TYR A 121 18.15 -13.20 18.03
C TYR A 121 18.52 -13.16 16.55
N ASP A 122 19.80 -12.87 16.25
CA ASP A 122 20.31 -12.87 14.86
C ASP A 122 19.42 -11.97 14.00
N VAL A 123 19.31 -10.70 14.38
CA VAL A 123 18.51 -9.73 13.59
C VAL A 123 19.21 -9.54 12.24
N ASP A 124 18.44 -9.45 11.16
CA ASP A 124 19.01 -9.26 9.80
C ASP A 124 17.90 -8.61 8.97
N SER A 125 18.19 -8.26 7.72
CA SER A 125 17.13 -7.70 6.84
C SER A 125 16.02 -8.73 6.69
N ASP A 126 16.38 -10.02 6.65
CA ASP A 126 15.39 -11.11 6.52
C ASP A 126 14.54 -11.25 7.79
N GLY A 127 14.77 -10.41 8.81
CA GLY A 127 13.98 -10.46 10.01
C GLY A 127 14.70 -11.18 11.14
N ILE A 128 13.90 -11.63 12.10
CA ILE A 128 14.45 -12.38 13.23
C ILE A 128 14.82 -13.76 12.70
N ASN A 129 16.12 -14.08 12.69
CA ASN A 129 16.55 -15.38 12.19
C ASN A 129 16.52 -16.49 13.24
N ASN A 130 16.81 -16.13 14.50
CA ASN A 130 16.80 -17.13 15.61
C ASN A 130 15.37 -17.23 16.13
N TYR A 131 14.51 -17.94 15.41
CA TYR A 131 13.09 -18.05 15.80
C TYR A 131 12.95 -18.75 17.15
N ASP A 132 13.80 -19.74 17.43
CA ASP A 132 13.66 -20.51 18.69
C ASP A 132 13.82 -19.57 19.88
N LYS A 133 14.79 -18.65 19.81
CA LYS A 133 15.00 -17.68 20.93
C LYS A 133 13.77 -16.79 21.06
N LEU A 134 13.18 -16.39 19.94
CA LEU A 134 11.96 -15.53 19.98
C LEU A 134 10.86 -16.32 20.69
N ASP A 135 10.75 -17.61 20.39
CA ASP A 135 9.70 -18.46 21.02
C ASP A 135 9.92 -18.50 22.53
N GLU A 136 11.17 -18.62 22.97
CA GLU A 136 11.47 -18.64 24.43
C GLU A 136 11.03 -17.31 25.04
N PHE A 137 11.27 -16.20 24.34
CA PHE A 137 10.85 -14.89 24.84
C PHE A 137 9.33 -14.78 24.90
N ARG A 138 8.64 -15.37 23.93
CA ARG A 138 7.15 -15.25 23.89
C ARG A 138 6.56 -15.87 25.15
N GLU A 139 7.04 -17.05 25.54
CA GLU A 139 6.56 -17.72 26.77
C GLU A 139 6.92 -16.89 28.01
N SER A 140 8.11 -16.29 28.01
CA SER A 140 8.59 -15.54 29.20
C SER A 140 7.69 -14.33 29.46
N ASP A 141 7.54 -13.96 30.74
CA ASP A 141 6.73 -12.77 31.09
C ASP A 141 7.39 -11.57 30.42
N TYR A 142 6.58 -10.69 29.83
CA TYR A 142 7.15 -9.56 29.07
C TYR A 142 6.31 -8.31 29.31
N VAL A 143 6.65 -7.22 28.63
CA VAL A 143 5.88 -5.98 28.75
C VAL A 143 5.25 -5.70 27.40
N ASP A 144 3.93 -5.79 27.32
CA ASP A 144 3.25 -5.61 26.06
C ASP A 144 3.41 -4.17 25.56
N LEU A 145 3.44 -4.01 24.24
CA LEU A 145 3.72 -2.72 23.63
C LEU A 145 2.65 -1.69 23.97
N GLU A 146 3.08 -0.47 24.29
CA GLU A 146 2.19 0.67 24.49
C GLU A 146 1.83 1.29 23.13
N ASP A 147 0.84 2.19 23.11
CA ASP A 147 0.37 2.75 21.81
C ASP A 147 1.49 3.54 21.12
N TYR A 148 2.30 4.27 21.89
CA TYR A 148 3.35 5.12 21.30
C TYR A 148 4.31 4.23 20.51
N ASP A 149 4.55 3.02 21.02
CA ASP A 149 5.50 2.08 20.36
C ASP A 149 5.00 1.79 18.94
N TYR A 150 3.69 1.66 18.76
CA TYR A 150 3.14 1.31 17.41
C TYR A 150 3.48 2.42 16.40
N ARG A 151 3.39 3.68 16.82
CA ARG A 151 3.74 4.81 15.92
C ARG A 151 5.22 4.68 15.54
N GLU A 152 6.06 4.31 16.52
CA GLU A 152 7.51 4.17 16.27
C GLU A 152 7.71 3.08 15.22
N LEU A 153 6.87 2.04 15.23
CA LEU A 153 7.08 0.91 14.29
C LEU A 153 7.03 1.45 12.86
N PHE A 154 6.10 2.35 12.57
CA PHE A 154 6.01 2.94 11.21
C PHE A 154 7.24 3.81 10.96
N GLU A 155 7.52 4.76 11.85
CA GLU A 155 8.63 5.72 11.61
C GLU A 155 9.97 4.99 11.49
N ASN A 156 10.20 3.98 12.34
CA ASN A 156 11.47 3.23 12.33
C ASN A 156 11.62 2.50 10.99
N SER A 157 10.53 1.98 10.44
CA SER A 157 10.61 1.19 9.18
C SER A 157 10.86 2.10 7.97
N SER A 158 11.93 1.83 7.21
CA SER A 158 12.23 2.65 6.00
C SER A 158 12.52 1.78 4.78
N SER A 159 12.42 0.45 4.89
CA SER A 159 12.81 -0.42 3.74
C SER A 159 11.91 -0.21 2.53
N GLN A 160 10.59 -0.16 2.75
CA GLN A 160 9.64 0.01 1.62
C GLN A 160 9.08 1.44 1.66
N VAL A 161 8.60 1.86 2.82
CA VAL A 161 8.02 3.22 2.97
C VAL A 161 9.03 4.07 3.74
N TYR A 162 9.57 5.11 3.11
CA TYR A 162 10.60 5.94 3.76
C TYR A 162 10.03 7.29 4.19
N TYR A 163 8.77 7.56 3.84
CA TYR A 163 8.10 8.82 4.26
C TYR A 163 6.93 8.49 5.18
N HIS A 164 6.92 9.06 6.38
CA HIS A 164 5.82 8.78 7.33
C HIS A 164 5.18 10.09 7.81
N GLU A 165 3.88 10.24 7.57
CA GLU A 165 3.15 11.43 8.09
C GLU A 165 1.92 10.92 8.83
N PHE A 166 1.71 11.37 10.06
CA PHE A 166 0.51 10.96 10.83
C PHE A 166 -0.38 12.19 11.00
N GLU A 167 -1.69 12.04 10.82
CA GLU A 167 -2.61 13.17 11.07
C GLU A 167 -3.37 12.89 12.37
N ILE A 168 -3.24 13.77 13.35
CA ILE A 168 -3.97 13.60 14.63
C ILE A 168 -5.04 14.69 14.69
N THR A 169 -6.30 14.31 14.81
CA THR A 169 -7.40 15.30 14.80
C THR A 169 -8.05 15.34 16.19
N HIS A 170 -8.05 16.50 16.83
CA HIS A 170 -8.76 16.64 18.14
C HIS A 170 -9.95 17.55 17.93
N GLU A 171 -11.15 17.08 18.27
CA GLU A 171 -12.38 17.88 18.00
C GLU A 171 -13.00 18.29 19.34
N SER B 1 6.34 10.93 31.45
CA SER B 1 7.03 10.13 32.44
C SER B 1 6.13 9.00 32.96
N MET B 2 6.12 7.87 32.25
CA MET B 2 5.39 6.71 32.74
C MET B 2 6.17 6.08 33.88
N ARG B 3 5.52 5.93 35.03
CA ARG B 3 6.20 5.36 36.18
C ARG B 3 6.74 3.98 35.89
N LYS B 4 6.03 3.19 35.07
CA LYS B 4 6.53 1.86 34.75
C LYS B 4 7.87 1.94 34.03
N THR B 5 7.99 2.86 33.08
CA THR B 5 9.22 3.01 32.31
C THR B 5 10.37 3.48 33.20
N ILE B 6 10.10 4.43 34.11
CA ILE B 6 11.14 4.91 35.02
C ILE B 6 11.54 3.81 36.00
N GLU B 7 10.57 3.01 36.45
CA GLU B 7 10.89 1.89 37.35
C GLU B 7 11.81 0.89 36.67
N ARG B 8 11.59 0.64 35.38
CA ARG B 8 12.50 -0.28 34.68
C ARG B 8 13.92 0.27 34.63
N LEU B 9 14.10 1.59 34.61
CA LEU B 9 15.46 2.11 34.73
C LEU B 9 16.00 1.91 36.14
N LEU B 10 15.19 2.18 37.16
CA LEU B 10 15.66 2.01 38.54
C LEU B 10 15.84 0.54 38.91
N ASN B 11 15.11 -0.36 38.26
CA ASN B 11 15.25 -1.79 38.52
C ASN B 11 16.29 -2.44 37.63
N SER B 12 16.97 -1.67 36.77
CA SER B 12 18.00 -2.25 35.93
C SER B 12 19.22 -2.56 36.78
N GLU B 13 20.23 -3.12 36.14
CA GLU B 13 21.51 -3.38 36.77
C GLU B 13 22.49 -2.22 36.56
N LEU B 14 22.02 -1.13 35.96
CA LEU B 14 22.90 0.04 35.66
C LEU B 14 23.23 0.79 36.96
N SER B 15 24.43 1.36 37.04
CA SER B 15 24.88 2.07 38.25
C SER B 15 24.02 3.31 38.50
N SER B 16 23.72 3.61 39.76
CA SER B 16 22.96 4.83 40.10
C SER B 16 23.79 6.06 39.70
N ASN B 17 25.10 6.00 39.90
CA ASN B 17 25.99 7.13 39.48
C ASN B 17 25.98 7.27 37.96
N SER B 18 25.98 6.17 37.20
CA SER B 18 26.04 6.28 35.71
C SER B 18 24.72 6.85 35.23
N ILE B 19 23.61 6.33 35.75
CA ILE B 19 22.30 6.87 35.41
C ILE B 19 22.26 8.36 35.72
N ALA B 20 22.83 8.75 36.86
CA ALA B 20 22.89 10.15 37.25
C ALA B 20 23.67 10.98 36.24
N VAL B 21 24.78 10.44 35.74
CA VAL B 21 25.61 11.18 34.79
C VAL B 21 24.89 11.34 33.45
N ARG B 22 24.28 10.28 32.94
CA ARG B 22 23.64 10.40 31.62
C ARG B 22 22.36 11.23 31.68
N THR B 23 21.58 11.09 32.75
CA THR B 23 20.27 11.74 32.80
C THR B 23 20.37 13.15 33.35
N GLY B 24 21.15 13.35 34.39
CA GLY B 24 21.26 14.63 35.05
C GLY B 24 20.66 14.64 36.43
N VAL B 25 19.95 13.59 36.81
CA VAL B 25 19.39 13.52 38.14
C VAL B 25 20.54 13.22 39.10
N SER B 26 20.43 13.74 40.32
CA SER B 26 21.53 13.56 41.24
C SER B 26 21.64 12.09 41.61
N GLN B 27 22.87 11.66 41.89
CA GLN B 27 23.02 10.30 42.38
C GLN B 27 22.29 10.14 43.71
N ALA B 28 22.22 11.21 44.50
CA ALA B 28 21.52 11.16 45.78
C ALA B 28 20.08 10.74 45.61
N VAL B 29 19.36 11.43 44.71
CA VAL B 29 17.95 11.15 44.48
C VAL B 29 17.77 9.74 43.92
N ILE B 30 18.60 9.36 42.94
CA ILE B 30 18.44 8.06 42.32
C ILE B 30 18.65 6.96 43.36
N SER B 31 19.68 7.11 44.18
CA SER B 31 19.99 6.12 45.22
C SER B 31 18.90 6.05 46.27
N LYS B 32 18.37 7.19 46.71
CA LYS B 32 17.30 7.20 47.69
C LYS B 32 16.03 6.58 47.11
N LEU B 33 15.77 6.81 45.82
CA LEU B 33 14.64 6.19 45.13
C LEU B 33 14.79 4.67 45.12
N ARG B 34 15.98 4.19 44.79
CA ARG B 34 16.21 2.74 44.77
C ARG B 34 16.13 2.15 46.16
N ASN B 35 16.59 2.90 47.17
CA ASN B 35 16.54 2.43 48.55
C ASN B 35 15.11 2.38 49.06
N GLY B 36 14.27 3.29 48.61
CA GLY B 36 12.92 3.40 49.11
C GLY B 36 12.75 4.62 49.97
N LYS B 37 13.82 5.37 50.23
CA LYS B 37 13.72 6.54 51.08
C LYS B 37 12.94 7.65 50.40
N LYS B 38 12.88 7.64 49.07
CA LYS B 38 12.10 8.59 48.30
C LYS B 38 11.13 7.80 47.42
N GLU B 39 10.08 8.49 46.95
CA GLU B 39 9.07 7.82 46.10
C GLU B 39 9.03 8.53 44.73
N LEU B 40 8.82 7.76 43.66
CA LEU B 40 8.78 8.33 42.29
C LEU B 40 7.62 9.32 42.18
N GLY B 41 6.52 9.04 42.86
CA GLY B 41 5.34 9.91 42.78
C GLY B 41 5.64 11.30 43.28
N ASN B 42 6.46 11.42 44.32
CA ASN B 42 6.80 12.74 44.91
C ASN B 42 7.78 13.50 44.02
N LEU B 43 8.41 12.83 43.05
CA LEU B 43 9.45 13.48 42.21
C LEU B 43 8.85 14.51 41.25
N THR B 44 9.63 15.51 40.86
CA THR B 44 9.16 16.56 39.91
C THR B 44 9.08 16.00 38.49
N LEU B 45 8.24 16.59 37.65
CA LEU B 45 8.09 16.12 36.25
C LEU B 45 9.41 16.30 35.52
N ASN B 46 10.13 17.39 35.78
CA ASN B 46 11.35 17.62 35.01
C ASN B 46 12.34 16.47 35.21
N SER B 47 12.65 16.13 36.45
CA SER B 47 13.60 15.05 36.71
C SER B 47 13.04 13.71 36.24
N ALA B 48 11.76 13.44 36.49
CA ALA B 48 11.15 12.22 36.02
C ALA B 48 11.21 12.15 34.49
N GLU B 49 11.05 13.29 33.83
CA GLU B 49 11.21 13.34 32.38
C GLU B 49 12.62 12.99 31.96
N LYS B 50 13.62 13.48 32.69
CA LYS B 50 15.01 13.14 32.35
C LYS B 50 15.23 11.62 32.42
N LEU B 51 14.78 11.01 33.50
CA LEU B 51 14.93 9.56 33.63
C LEU B 51 14.19 8.85 32.52
N PHE B 52 12.98 9.31 32.22
CA PHE B 52 12.17 8.70 31.17
C PHE B 52 12.86 8.78 29.83
N GLU B 53 13.44 9.93 29.49
CA GLU B 53 14.11 10.09 28.20
C GLU B 53 15.31 9.16 28.09
N TYR B 54 16.06 8.92 29.17
CA TYR B 54 17.22 8.02 28.99
C TYR B 54 16.79 6.57 28.79
N GLN B 55 15.81 6.09 29.56
CA GLN B 55 15.30 4.71 29.37
C GLN B 55 14.68 4.58 27.99
N LYS B 56 13.98 5.62 27.55
CA LYS B 56 13.36 5.61 26.19
C LYS B 56 14.48 5.49 25.16
N GLU B 57 15.60 6.18 25.36
CA GLU B 57 16.74 6.11 24.41
C GLU B 57 17.32 4.70 24.43
N MET B 58 17.43 4.11 25.61
CA MET B 58 17.98 2.73 25.74
C MET B 58 17.06 1.74 25.01
N GLU B 59 15.73 1.93 25.10
CA GLU B 59 14.77 0.99 24.49
C GLU B 59 14.51 1.34 23.03
N LYS B 60 15.09 2.44 22.54
CA LYS B 60 14.86 2.88 21.13
C LYS B 60 15.46 1.85 20.17
N VAL B 61 14.82 1.64 19.02
CA VAL B 61 15.30 0.63 18.04
C VAL B 61 16.30 1.30 17.10
N ASP B 62 17.46 0.66 16.89
CA ASP B 62 18.50 1.21 16.05
C ASP B 62 18.20 0.88 14.59
N THR B 63 18.65 1.75 13.69
CA THR B 63 18.47 1.58 12.25
C THR B 63 19.80 1.76 11.54
N TRP B 64 20.13 0.82 10.66
CA TRP B 64 21.32 0.90 9.82
C TRP B 64 20.95 0.61 8.37
N ILE B 65 21.39 1.47 7.46
CA ILE B 65 21.04 1.42 6.04
C ILE B 65 22.28 1.12 5.22
N VAL B 66 22.18 0.08 4.37
CA VAL B 66 23.21 -0.28 3.42
C VAL B 66 22.62 -0.06 2.03
N TYR B 67 23.20 0.88 1.29
CA TYR B 67 22.74 1.20 -0.05
C TYR B 67 23.58 0.44 -1.06
N ARG B 68 22.92 -0.12 -2.07
CA ARG B 68 23.56 -0.84 -3.16
C ARG B 68 23.09 -0.25 -4.48
N GLY B 69 24.03 0.11 -5.35
CA GLY B 69 23.69 0.65 -6.65
C GLY B 69 24.55 0.06 -7.74
N ARG B 70 24.00 0.05 -8.96
CA ARG B 70 24.75 -0.55 -10.09
C ARG B 70 24.45 0.22 -11.38
N THR B 71 25.37 0.18 -12.33
CA THR B 71 25.13 0.83 -13.65
C THR B 71 24.25 -0.11 -14.48
N ALA B 72 23.80 0.35 -15.66
CA ALA B 72 22.96 -0.51 -16.53
C ALA B 72 23.75 -1.74 -16.94
N ASP B 73 25.03 -1.57 -17.25
CA ASP B 73 25.90 -2.71 -17.66
C ASP B 73 26.00 -3.69 -16.50
N MET B 74 26.04 -3.20 -15.26
CA MET B 74 26.13 -4.04 -14.03
C MET B 74 27.59 -4.41 -13.79
N ASN B 75 28.48 -4.03 -14.71
CA ASN B 75 29.92 -4.25 -14.50
C ASN B 75 30.40 -3.34 -13.37
N LYS B 76 29.89 -2.11 -13.31
CA LYS B 76 30.36 -1.14 -12.28
C LYS B 76 29.44 -1.20 -11.08
N SER B 77 30.01 -1.31 -9.88
CA SER B 77 29.20 -1.44 -8.64
C SER B 77 29.49 -0.30 -7.67
N TYR B 78 28.47 0.16 -6.95
CA TYR B 78 28.59 1.23 -5.96
C TYR B 78 27.92 0.81 -4.65
N ILE B 79 28.60 1.00 -3.51
CA ILE B 79 27.99 0.63 -2.23
C ILE B 79 28.24 1.72 -1.20
N ALA B 80 27.22 1.99 -0.36
CA ALA B 80 27.29 3.03 0.66
C ALA B 80 26.64 2.56 1.97
N GLU B 81 26.98 3.24 3.07
CA GLU B 81 26.56 2.87 4.41
C GLU B 81 26.17 4.10 5.21
N GLY B 82 25.18 3.96 6.09
CA GLY B 82 24.88 5.03 7.02
C GLY B 82 23.65 4.70 7.84
N SER B 83 23.53 5.34 8.99
CA SER B 83 22.35 5.14 9.81
C SER B 83 21.19 6.03 9.38
N THR B 84 21.48 7.08 8.61
CA THR B 84 20.47 7.94 8.00
C THR B 84 20.68 8.00 6.49
N TYR B 85 19.64 8.44 5.78
CA TYR B 85 19.79 8.61 4.34
C TYR B 85 20.77 9.73 4.03
N GLU B 86 20.76 10.79 4.83
CA GLU B 86 21.76 11.85 4.69
C GLU B 86 23.17 11.31 4.88
N GLU B 87 23.35 10.39 5.84
CA GLU B 87 24.68 9.81 6.09
C GLU B 87 25.09 8.95 4.89
N VAL B 88 24.14 8.20 4.33
CA VAL B 88 24.41 7.34 3.15
C VAL B 88 24.88 8.23 2.01
N TYR B 89 24.17 9.33 1.75
CA TYR B 89 24.53 10.24 0.64
C TYR B 89 25.91 10.84 0.87
N ASN B 90 26.18 11.26 2.11
CA ASN B 90 27.48 11.90 2.41
C ASN B 90 28.60 10.87 2.20
N ASN B 91 28.37 9.63 2.61
CA ASN B 91 29.37 8.57 2.40
C ASN B 91 29.56 8.36 0.89
N PHE B 92 28.46 8.34 0.12
CA PHE B 92 28.57 8.05 -1.33
C PHE B 92 29.39 9.14 -2.01
N VAL B 93 29.11 10.41 -1.70
CA VAL B 93 29.83 11.53 -2.37
C VAL B 93 31.30 11.51 -1.94
N ASP B 94 31.57 11.21 -0.66
CA ASP B 94 32.96 11.16 -0.16
C ASP B 94 33.72 10.02 -0.85
N LYS B 95 33.06 8.89 -1.08
CA LYS B 95 33.75 7.71 -1.66
C LYS B 95 33.77 7.77 -3.19
N TYR B 96 32.70 8.26 -3.82
CA TYR B 96 32.63 8.19 -5.28
C TYR B 96 32.63 9.54 -5.98
N GLY B 97 32.04 10.56 -5.36
CA GLY B 97 32.02 11.90 -5.97
C GLY B 97 30.62 12.36 -6.36
N TYR B 98 30.38 13.67 -6.37
CA TYR B 98 29.05 14.24 -6.70
C TYR B 98 28.66 13.95 -8.15
N ASP B 99 29.63 13.94 -9.07
CA ASP B 99 29.34 13.80 -10.52
C ASP B 99 28.61 12.49 -10.84
N VAL B 100 28.92 11.39 -10.15
CA VAL B 100 28.33 10.06 -10.51
C VAL B 100 26.81 10.13 -10.39
N LEU B 101 26.29 10.75 -9.34
CA LEU B 101 24.83 10.88 -9.16
C LEU B 101 24.30 11.92 -10.15
N ASP B 102 22.98 12.00 -10.35
CA ASP B 102 22.44 12.92 -11.39
C ASP B 102 22.92 14.34 -11.09
N GLU B 103 23.28 15.09 -12.14
CA GLU B 103 23.88 16.43 -11.93
C GLU B 103 22.89 17.33 -11.19
N ASP B 104 23.35 17.96 -10.11
CA ASP B 104 22.53 18.94 -9.35
C ASP B 104 21.21 18.27 -8.92
N ILE B 105 21.23 16.98 -8.58
CA ILE B 105 20.00 16.30 -8.07
C ILE B 105 19.62 16.94 -6.73
N TYR B 106 20.63 17.34 -5.95
CA TYR B 106 20.37 17.97 -4.63
C TYR B 106 19.58 19.24 -4.84
N GLU B 107 19.92 19.99 -5.89
CA GLU B 107 19.20 21.26 -6.17
C GLU B 107 17.81 20.94 -6.71
N ILE B 108 17.70 19.90 -7.54
CA ILE B 108 16.38 19.52 -8.05
C ILE B 108 15.44 19.19 -6.91
N GLN B 109 15.92 18.45 -5.91
CA GLN B 109 15.08 18.14 -4.76
C GLN B 109 14.69 19.40 -4.01
N LEU B 110 15.63 20.35 -3.87
CA LEU B 110 15.30 21.61 -3.20
C LEU B 110 14.19 22.35 -3.95
N LEU B 111 14.28 22.43 -5.29
CA LEU B 111 13.25 23.10 -6.09
C LEU B 111 11.91 22.40 -5.93
N LYS B 112 11.95 21.07 -5.80
CA LYS B 112 10.70 20.30 -5.62
C LYS B 112 10.08 20.66 -4.26
N LYS B 113 10.92 20.85 -3.24
CA LYS B 113 10.41 21.26 -1.91
C LYS B 113 9.75 22.64 -2.04
N ASN B 114 10.37 23.56 -2.77
CA ASN B 114 9.77 24.90 -3.01
C ASN B 114 8.47 24.75 -3.80
N GLY B 115 8.44 23.82 -4.74
CA GLY B 115 7.26 23.67 -5.62
C GLY B 115 7.43 24.50 -6.88
N GLU B 116 8.61 25.13 -7.04
CA GLU B 116 8.88 25.90 -8.28
C GLU B 116 8.85 24.92 -9.45
N ASN B 117 8.23 25.31 -10.56
CA ASN B 117 8.09 24.41 -11.74
C ASN B 117 9.47 24.05 -12.28
N LEU B 118 9.72 22.76 -12.49
CA LEU B 118 11.00 22.30 -13.06
C LEU B 118 11.15 22.87 -14.48
N ASP B 119 10.07 22.86 -15.25
CA ASP B 119 10.13 23.32 -16.67
C ASP B 119 10.54 24.80 -16.69
N ASP B 120 9.99 25.60 -15.78
CA ASP B 120 10.32 27.04 -15.70
C ASP B 120 11.75 27.21 -15.19
N TYR B 121 12.31 26.18 -14.54
CA TYR B 121 13.66 26.30 -13.91
C TYR B 121 14.75 25.87 -14.90
N ASP B 122 14.40 25.74 -16.19
CA ASP B 122 15.40 25.37 -17.23
C ASP B 122 16.01 24.00 -16.91
N VAL B 123 15.17 23.04 -16.53
CA VAL B 123 15.68 21.68 -16.14
C VAL B 123 16.40 21.07 -17.34
N ASP B 124 17.57 20.48 -17.10
CA ASP B 124 18.34 19.83 -18.19
C ASP B 124 19.26 18.76 -17.59
N SER B 125 19.70 17.80 -18.40
CA SER B 125 20.64 16.75 -17.92
C SER B 125 21.95 17.41 -17.50
N ASP B 126 22.37 18.46 -18.21
CA ASP B 126 23.68 19.10 -17.93
C ASP B 126 23.74 19.62 -16.49
N GLY B 127 22.65 20.18 -15.99
CA GLY B 127 22.70 20.77 -14.64
C GLY B 127 21.84 22.02 -14.54
N ILE B 128 22.25 22.97 -13.70
CA ILE B 128 21.43 24.19 -13.48
C ILE B 128 21.73 25.18 -14.60
N ASN B 129 20.85 25.26 -15.61
CA ASN B 129 21.03 26.20 -16.72
C ASN B 129 20.94 27.64 -16.19
N ASN B 130 20.01 27.91 -15.27
CA ASN B 130 19.82 29.29 -14.80
C ASN B 130 20.59 29.52 -13.50
N TYR B 131 21.74 30.20 -13.57
CA TYR B 131 22.51 30.55 -12.35
C TYR B 131 21.68 31.54 -11.53
N ASP B 132 21.00 32.46 -12.22
CA ASP B 132 20.17 33.48 -11.53
C ASP B 132 19.24 32.81 -10.53
N LYS B 133 18.49 31.79 -10.95
CA LYS B 133 17.52 31.17 -10.06
C LYS B 133 18.19 30.58 -8.82
N LEU B 134 19.44 30.13 -8.95
CA LEU B 134 20.16 29.59 -7.80
C LEU B 134 20.34 30.64 -6.71
N ASP B 135 20.73 31.85 -7.07
CA ASP B 135 20.81 32.93 -6.09
C ASP B 135 19.44 33.25 -5.52
N GLU B 136 18.42 33.20 -6.37
CA GLU B 136 17.03 33.44 -5.87
C GLU B 136 16.77 32.43 -4.75
N PHE B 137 17.08 31.15 -5.00
CA PHE B 137 16.89 30.10 -3.96
C PHE B 137 17.80 30.39 -2.77
N ARG B 138 19.02 30.87 -3.02
CA ARG B 138 19.98 31.14 -1.92
C ARG B 138 19.39 32.20 -0.99
N GLU B 139 18.62 33.13 -1.55
CA GLU B 139 18.02 34.22 -0.74
C GLU B 139 17.11 33.61 0.33
N SER B 140 16.37 32.55 -0.01
CA SER B 140 15.42 31.96 0.97
C SER B 140 15.93 30.61 1.50
N ASP B 141 15.92 30.42 2.82
CA ASP B 141 16.33 29.10 3.38
C ASP B 141 15.37 28.04 2.83
N TYR B 142 14.09 28.38 2.66
CA TYR B 142 13.06 27.44 2.15
C TYR B 142 12.99 26.25 3.10
N VAL B 143 12.96 25.03 2.56
CA VAL B 143 12.99 23.85 3.46
C VAL B 143 14.29 23.09 3.17
N ASP B 144 15.17 22.96 4.16
CA ASP B 144 16.39 22.15 3.96
C ASP B 144 15.94 20.72 3.71
N LEU B 145 16.65 19.97 2.87
CA LEU B 145 16.16 18.62 2.50
C LEU B 145 16.06 17.74 3.75
N GLU B 146 14.95 17.01 3.90
CA GLU B 146 14.78 16.07 5.03
C GLU B 146 15.48 14.76 4.67
N ASP B 147 15.65 13.86 5.64
CA ASP B 147 16.35 12.58 5.40
C ASP B 147 15.74 11.88 4.19
N TYR B 148 14.41 11.74 4.13
CA TYR B 148 13.79 10.99 3.04
C TYR B 148 14.18 11.53 1.67
N ASP B 149 14.45 12.85 1.58
CA ASP B 149 14.87 13.43 0.31
C ASP B 149 16.16 12.81 -0.19
N TYR B 150 17.05 12.40 0.72
CA TYR B 150 18.30 11.79 0.29
C TYR B 150 18.09 10.44 -0.38
N ARG B 151 17.17 9.61 0.14
CA ARG B 151 16.82 8.38 -0.57
C ARG B 151 16.22 8.70 -1.93
N GLU B 152 15.35 9.71 -1.97
CA GLU B 152 14.76 10.10 -3.25
C GLU B 152 15.82 10.55 -4.25
N LEU B 153 16.89 11.20 -3.79
CA LEU B 153 17.97 11.59 -4.70
C LEU B 153 18.54 10.39 -5.43
N PHE B 154 18.82 9.31 -4.70
CA PHE B 154 19.33 8.09 -5.35
C PHE B 154 18.30 7.50 -6.30
N GLU B 155 17.04 7.40 -5.86
CA GLU B 155 16.02 6.72 -6.70
C GLU B 155 15.70 7.54 -7.95
N ASN B 156 15.71 8.88 -7.84
CA ASN B 156 15.45 9.76 -9.00
C ASN B 156 16.55 9.61 -10.07
N SER B 157 17.80 9.43 -9.65
CA SER B 157 18.94 9.39 -10.62
C SER B 157 18.77 8.25 -11.64
N SER B 158 19.02 8.54 -12.92
CA SER B 158 18.95 7.48 -13.97
C SER B 158 20.29 7.35 -14.70
N SER B 159 21.01 8.47 -14.86
CA SER B 159 22.32 8.46 -15.56
C SER B 159 23.38 7.80 -14.69
N GLN B 160 24.41 7.20 -15.29
CA GLN B 160 25.45 6.49 -14.50
C GLN B 160 24.75 5.38 -13.71
N VAL B 161 24.83 5.42 -12.38
CA VAL B 161 24.11 4.39 -11.56
C VAL B 161 22.62 4.45 -11.93
N TYR B 162 22.04 3.30 -12.30
CA TYR B 162 20.62 3.27 -12.73
C TYR B 162 19.84 2.34 -11.80
N TYR B 163 20.55 1.40 -11.18
CA TYR B 163 19.87 0.44 -10.27
C TYR B 163 20.09 0.91 -8.84
N HIS B 164 19.01 1.17 -8.11
CA HIS B 164 19.14 1.69 -6.72
C HIS B 164 18.42 0.74 -5.76
N GLU B 165 19.09 0.34 -4.68
CA GLU B 165 18.50 -0.64 -3.73
C GLU B 165 18.90 -0.28 -2.30
N PHE B 166 17.94 -0.21 -1.39
CA PHE B 166 18.24 0.11 0.00
C PHE B 166 17.85 -1.06 0.90
N GLU B 167 18.78 -1.50 1.74
CA GLU B 167 18.53 -2.57 2.70
C GLU B 167 18.69 -2.01 4.11
N ILE B 168 17.73 -2.30 4.98
CA ILE B 168 17.72 -1.74 6.32
C ILE B 168 17.73 -2.87 7.33
N THR B 169 18.64 -2.79 8.31
CA THR B 169 18.69 -3.71 9.44
C THR B 169 18.57 -2.92 10.74
N HIS B 170 17.88 -3.50 11.72
CA HIS B 170 17.66 -2.83 12.99
C HIS B 170 18.43 -3.49 14.15
N GLU B 171 19.61 -4.03 13.86
CA GLU B 171 20.46 -4.59 14.92
C GLU B 171 20.80 -3.53 15.96
N SER C 1 -12.17 -20.28 -2.15
CA SER C 1 -12.71 -19.18 -2.93
C SER C 1 -13.02 -19.63 -4.36
N MET C 2 -12.00 -19.95 -5.14
CA MET C 2 -12.23 -20.49 -6.46
C MET C 2 -12.63 -21.95 -6.34
N ARG C 3 -13.86 -22.27 -6.75
CA ARG C 3 -14.35 -23.64 -6.64
C ARG C 3 -13.50 -24.61 -7.46
N LYS C 4 -13.01 -24.16 -8.62
CA LYS C 4 -12.19 -25.05 -9.45
C LYS C 4 -10.94 -25.50 -8.70
N THR C 5 -10.28 -24.58 -8.01
CA THR C 5 -9.04 -24.90 -7.30
C THR C 5 -9.27 -25.88 -6.16
N ILE C 6 -10.32 -25.67 -5.38
CA ILE C 6 -10.64 -26.61 -4.30
C ILE C 6 -11.04 -27.96 -4.87
N GLU C 7 -11.75 -27.95 -6.01
CA GLU C 7 -12.11 -29.21 -6.67
C GLU C 7 -10.86 -29.98 -7.08
N ARG C 8 -9.83 -29.26 -7.55
CA ARG C 8 -8.56 -29.91 -7.85
C ARG C 8 -7.87 -30.43 -6.60
N LEU C 9 -8.08 -29.75 -5.46
CA LEU C 9 -7.53 -30.24 -4.19
C LEU C 9 -8.21 -31.53 -3.73
N LEU C 10 -9.53 -31.64 -3.91
CA LEU C 10 -10.22 -32.84 -3.45
C LEU C 10 -9.79 -34.07 -4.26
N ASN C 11 -9.39 -33.85 -5.50
CA ASN C 11 -8.89 -34.91 -6.36
C ASN C 11 -7.37 -35.03 -6.32
N SER C 12 -6.71 -34.24 -5.46
CA SER C 12 -5.25 -34.20 -5.41
C SER C 12 -4.62 -35.47 -4.87
N GLU C 13 -5.43 -36.45 -4.49
CA GLU C 13 -4.91 -37.77 -4.01
C GLU C 13 -4.12 -37.61 -2.72
N LEU C 14 -4.05 -36.40 -2.16
CA LEU C 14 -3.38 -36.22 -0.85
C LEU C 14 -4.30 -36.78 0.24
N SER C 15 -3.75 -37.13 1.40
CA SER C 15 -4.58 -37.73 2.46
C SER C 15 -5.63 -36.73 2.94
N SER C 16 -6.83 -37.21 3.28
CA SER C 16 -7.88 -36.30 3.80
C SER C 16 -7.40 -35.68 5.12
N ASN C 17 -6.74 -36.46 5.97
CA ASN C 17 -6.16 -35.89 7.21
C ASN C 17 -5.06 -34.90 6.85
N SER C 18 -4.27 -35.19 5.81
CA SER C 18 -3.13 -34.31 5.47
C SER C 18 -3.62 -32.91 5.12
N ILE C 19 -4.73 -32.84 4.38
CA ILE C 19 -5.27 -31.51 3.97
C ILE C 19 -5.73 -30.82 5.25
N ALA C 20 -6.33 -31.59 6.16
CA ALA C 20 -6.88 -31.03 7.40
C ALA C 20 -5.77 -30.43 8.26
N VAL C 21 -4.65 -31.14 8.39
CA VAL C 21 -3.58 -30.62 9.23
C VAL C 21 -2.93 -29.39 8.58
N ARG C 22 -2.77 -29.40 7.26
CA ARG C 22 -2.10 -28.27 6.62
C ARG C 22 -2.95 -27.00 6.64
N THR C 23 -4.27 -27.12 6.41
CA THR C 23 -5.13 -25.94 6.25
C THR C 23 -5.79 -25.47 7.55
N GLY C 24 -6.26 -26.40 8.37
CA GLY C 24 -7.01 -26.08 9.58
C GLY C 24 -8.45 -26.54 9.56
N VAL C 25 -8.97 -27.00 8.42
CA VAL C 25 -10.32 -27.54 8.32
C VAL C 25 -10.33 -28.98 8.82
N SER C 26 -11.45 -29.41 9.40
CA SER C 26 -11.51 -30.75 9.98
C SER C 26 -11.49 -31.84 8.93
N GLN C 27 -10.91 -32.97 9.30
CA GLN C 27 -10.90 -34.13 8.43
C GLN C 27 -12.32 -34.60 8.13
N ALA C 28 -13.23 -34.44 9.08
CA ALA C 28 -14.62 -34.84 8.88
C ALA C 28 -15.20 -34.19 7.63
N VAL C 29 -15.02 -32.86 7.52
CA VAL C 29 -15.56 -32.11 6.38
C VAL C 29 -14.97 -32.63 5.07
N ILE C 30 -13.66 -32.82 5.03
CA ILE C 30 -13.00 -33.24 3.80
C ILE C 30 -13.46 -34.62 3.39
N SER C 31 -13.54 -35.54 4.34
CA SER C 31 -13.97 -36.89 4.03
C SER C 31 -15.40 -36.90 3.53
N LYS C 32 -16.28 -36.11 4.17
CA LYS C 32 -17.66 -36.04 3.72
C LYS C 32 -17.77 -35.42 2.32
N LEU C 33 -16.95 -34.42 2.03
CA LEU C 33 -16.94 -33.83 0.69
C LEU C 33 -16.47 -34.82 -0.37
N ARG C 34 -15.40 -35.56 -0.08
CA ARG C 34 -14.89 -36.49 -1.07
C ARG C 34 -15.85 -37.65 -1.31
N ASN C 35 -16.48 -38.14 -0.24
CA ASN C 35 -17.42 -39.25 -0.38
C ASN C 35 -18.70 -38.82 -1.11
N GLY C 36 -19.08 -37.56 -0.99
CA GLY C 36 -20.33 -37.05 -1.52
C GLY C 36 -21.34 -36.69 -0.44
N LYS C 37 -21.00 -36.89 0.83
CA LYS C 37 -21.92 -36.59 1.94
C LYS C 37 -22.10 -35.10 2.17
N LYS C 38 -21.13 -34.28 1.76
CA LYS C 38 -21.27 -32.81 1.89
C LYS C 38 -21.12 -32.16 0.52
N GLU C 39 -21.42 -30.86 0.41
CA GLU C 39 -21.31 -30.12 -0.88
C GLU C 39 -20.34 -28.95 -0.70
N LEU C 40 -19.46 -28.71 -1.67
CA LEU C 40 -18.47 -27.61 -1.58
C LEU C 40 -19.19 -26.28 -1.52
N GLY C 41 -20.32 -26.16 -2.23
CA GLY C 41 -21.05 -24.88 -2.27
C GLY C 41 -21.52 -24.44 -0.91
N ASN C 42 -21.92 -25.36 -0.04
CA ASN C 42 -22.51 -25.00 1.27
C ASN C 42 -21.42 -24.64 2.28
N LEU C 43 -20.14 -24.84 1.93
CA LEU C 43 -19.03 -24.61 2.89
C LEU C 43 -18.85 -23.12 3.18
N THR C 44 -18.29 -22.79 4.35
CA THR C 44 -18.09 -21.38 4.76
C THR C 44 -16.92 -20.76 4.01
N LEU C 45 -16.94 -19.44 3.87
CA LEU C 45 -15.87 -18.74 3.17
C LEU C 45 -14.55 -18.93 3.89
N ASN C 46 -14.59 -19.00 5.23
CA ASN C 46 -13.37 -19.14 6.01
C ASN C 46 -12.66 -20.47 5.68
N SER C 47 -13.39 -21.58 5.77
CA SER C 47 -12.80 -22.90 5.47
C SER C 47 -12.43 -23.00 4.00
N ALA C 48 -13.31 -22.54 3.11
CA ALA C 48 -13.02 -22.58 1.69
C ALA C 48 -11.78 -21.76 1.35
N GLU C 49 -11.65 -20.60 1.99
CA GLU C 49 -10.47 -19.76 1.81
C GLU C 49 -9.20 -20.48 2.29
N LYS C 50 -9.31 -21.18 3.42
CA LYS C 50 -8.14 -21.94 3.96
C LYS C 50 -7.70 -22.99 2.93
N LEU C 51 -8.63 -23.82 2.48
CA LEU C 51 -8.29 -24.91 1.53
C LEU C 51 -7.76 -24.32 0.21
N PHE C 52 -8.41 -23.28 -0.28
CA PHE C 52 -8.00 -22.66 -1.57
C PHE C 52 -6.60 -22.10 -1.41
N GLU C 53 -6.31 -21.46 -0.28
CA GLU C 53 -4.99 -20.81 -0.11
C GLU C 53 -3.91 -21.89 -0.15
N TYR C 54 -4.14 -23.03 0.51
CA TYR C 54 -3.07 -24.06 0.57
C TYR C 54 -2.78 -24.57 -0.83
N GLN C 55 -3.81 -24.95 -1.58
CA GLN C 55 -3.57 -25.52 -2.93
C GLN C 55 -2.86 -24.46 -3.77
N LYS C 56 -3.23 -23.19 -3.59
CA LYS C 56 -2.65 -22.12 -4.43
C LYS C 56 -1.14 -22.05 -4.19
N GLU C 57 -0.70 -22.16 -2.94
CA GLU C 57 0.74 -22.03 -2.63
C GLU C 57 1.50 -23.17 -3.30
N MET C 58 0.95 -24.38 -3.21
CA MET C 58 1.62 -25.56 -3.81
C MET C 58 1.71 -25.38 -5.33
N GLU C 59 0.60 -25.00 -5.96
CA GLU C 59 0.56 -24.82 -7.44
C GLU C 59 1.46 -23.66 -7.89
N LYS C 60 1.56 -22.59 -7.10
CA LYS C 60 2.28 -21.36 -7.54
C LYS C 60 3.75 -21.64 -7.88
N VAL C 61 4.42 -22.53 -7.17
CA VAL C 61 5.89 -22.70 -7.40
C VAL C 61 6.15 -23.11 -8.85
N ASP C 62 5.39 -24.06 -9.38
CA ASP C 62 5.56 -24.52 -10.79
C ASP C 62 4.69 -23.68 -11.72
N THR C 63 5.04 -22.40 -11.94
CA THR C 63 4.15 -21.55 -12.78
C THR C 63 4.95 -20.80 -13.84
N TRP C 64 4.50 -20.85 -15.10
CA TRP C 64 5.15 -20.06 -16.19
C TRP C 64 4.11 -19.84 -17.29
N ILE C 65 3.94 -18.60 -17.73
CA ILE C 65 2.87 -18.25 -18.72
C ILE C 65 3.47 -17.63 -19.97
N VAL C 66 3.04 -18.07 -21.15
CA VAL C 66 3.50 -17.44 -22.43
C VAL C 66 2.34 -16.62 -22.99
N TYR C 67 2.53 -15.31 -23.16
CA TYR C 67 1.43 -14.43 -23.62
C TYR C 67 1.19 -14.59 -25.13
N ARG C 68 -0.03 -14.27 -25.58
CA ARG C 68 -0.33 -14.33 -27.03
C ARG C 68 -0.73 -12.92 -27.49
N GLY C 69 -0.13 -12.41 -28.58
CA GLY C 69 -0.55 -11.10 -29.12
C GLY C 69 -0.22 -10.99 -30.60
N ARG C 70 -1.00 -10.23 -31.37
CA ARG C 70 -0.66 -9.99 -32.81
C ARG C 70 -1.20 -8.64 -33.27
N THR C 71 -0.46 -7.96 -34.15
CA THR C 71 -0.91 -6.66 -34.72
C THR C 71 -1.46 -6.90 -36.12
N ALA C 72 -2.06 -5.88 -36.73
CA ALA C 72 -2.57 -6.00 -38.12
C ALA C 72 -1.55 -6.74 -38.99
N ASP C 73 -0.27 -6.34 -38.93
CA ASP C 73 0.75 -6.96 -39.78
C ASP C 73 0.91 -8.42 -39.39
N MET C 74 0.89 -9.31 -40.38
CA MET C 74 1.02 -10.72 -40.08
C MET C 74 2.43 -11.08 -39.64
N ASN C 75 3.42 -10.24 -39.94
CA ASN C 75 4.79 -10.46 -39.51
C ASN C 75 5.01 -10.15 -38.03
N LYS C 76 4.25 -9.20 -37.48
CA LYS C 76 4.43 -8.78 -36.10
C LYS C 76 3.60 -9.63 -35.14
N SER C 77 4.26 -10.17 -34.11
CA SER C 77 3.65 -11.03 -33.10
C SER C 77 4.19 -10.62 -31.73
N TYR C 78 3.36 -10.77 -30.70
CA TYR C 78 3.72 -10.31 -29.37
C TYR C 78 3.58 -11.45 -28.37
N ILE C 79 4.67 -11.74 -27.63
CA ILE C 79 4.74 -12.83 -26.68
C ILE C 79 5.45 -12.34 -25.42
N ALA C 80 4.99 -12.80 -24.25
CA ALA C 80 5.58 -12.42 -22.97
C ALA C 80 5.66 -13.63 -22.06
N GLU C 81 6.52 -13.53 -21.05
CA GLU C 81 6.79 -14.62 -20.11
C GLU C 81 6.92 -14.07 -18.69
N GLY C 82 6.44 -14.83 -17.72
CA GLY C 82 6.58 -14.46 -16.33
C GLY C 82 5.86 -15.47 -15.46
N SER C 83 6.25 -15.49 -14.19
CA SER C 83 5.59 -16.38 -13.23
C SER C 83 4.31 -15.77 -12.66
N THR C 84 4.12 -14.46 -12.78
CA THR C 84 2.88 -13.80 -12.42
C THR C 84 2.37 -12.99 -13.60
N TYR C 85 1.06 -12.69 -13.59
CA TYR C 85 0.49 -11.87 -14.67
C TYR C 85 1.04 -10.46 -14.63
N GLU C 86 1.26 -9.91 -13.44
CA GLU C 86 1.94 -8.62 -13.35
C GLU C 86 3.33 -8.72 -13.96
N GLU C 87 4.03 -9.83 -13.71
CA GLU C 87 5.34 -10.05 -14.32
C GLU C 87 5.24 -10.11 -15.83
N VAL C 88 4.20 -10.77 -16.36
CA VAL C 88 4.01 -10.82 -17.81
C VAL C 88 3.80 -9.42 -18.37
N TYR C 89 2.98 -8.61 -17.70
CA TYR C 89 2.76 -7.24 -18.15
C TYR C 89 4.05 -6.42 -18.11
N ASN C 90 4.84 -6.59 -17.05
CA ASN C 90 6.10 -5.88 -16.93
C ASN C 90 7.08 -6.31 -18.03
N ASN C 91 7.13 -7.60 -18.32
CA ASN C 91 7.97 -8.09 -19.41
C ASN C 91 7.53 -7.50 -20.75
N PHE C 92 6.21 -7.43 -20.98
CA PHE C 92 5.69 -6.87 -22.23
C PHE C 92 6.04 -5.39 -22.37
N VAL C 93 5.83 -4.61 -21.31
CA VAL C 93 6.14 -3.18 -21.38
C VAL C 93 7.64 -2.95 -21.45
N ASP C 94 8.44 -3.85 -20.88
CA ASP C 94 9.88 -3.75 -20.97
C ASP C 94 10.38 -3.99 -22.40
N LYS C 95 9.94 -5.09 -23.02
CA LYS C 95 10.50 -5.46 -24.34
C LYS C 95 9.96 -4.56 -25.46
N TYR C 96 8.74 -4.02 -25.28
CA TYR C 96 8.12 -3.21 -26.36
C TYR C 96 7.65 -1.88 -25.77
N GLY C 97 7.31 -0.92 -26.64
CA GLY C 97 6.86 0.40 -26.17
C GLY C 97 5.62 0.28 -25.30
N TYR C 98 5.51 1.12 -24.27
CA TYR C 98 4.37 1.07 -23.32
C TYR C 98 3.04 1.36 -24.01
N ASP C 99 3.01 2.26 -25.00
CA ASP C 99 1.72 2.69 -25.62
C ASP C 99 1.30 1.76 -26.76
N VAL C 100 2.00 0.64 -26.97
CA VAL C 100 1.57 -0.35 -28.01
C VAL C 100 0.13 -0.80 -27.68
N LEU C 101 -0.18 -1.01 -26.41
CA LEU C 101 -1.55 -1.34 -26.01
C LEU C 101 -2.41 -0.08 -26.03
N ASP C 102 -3.70 -0.24 -25.77
CA ASP C 102 -4.60 0.91 -25.82
C ASP C 102 -4.17 1.96 -24.80
N GLU C 103 -4.28 3.23 -25.17
CA GLU C 103 -3.77 4.33 -24.30
C GLU C 103 -4.48 4.37 -22.95
N ASP C 104 -3.72 4.34 -21.86
CA ASP C 104 -4.29 4.48 -20.48
C ASP C 104 -5.27 3.36 -20.16
N ILE C 105 -5.09 2.16 -20.73
CA ILE C 105 -5.97 1.01 -20.38
C ILE C 105 -5.78 0.66 -18.91
N TYR C 106 -4.54 0.72 -18.41
CA TYR C 106 -4.26 0.32 -17.02
C TYR C 106 -5.04 1.23 -16.08
N GLU C 107 -5.02 2.53 -16.37
CA GLU C 107 -5.71 3.52 -15.49
C GLU C 107 -7.22 3.25 -15.51
N ILE C 108 -7.78 2.95 -16.69
CA ILE C 108 -9.24 2.75 -16.80
C ILE C 108 -9.64 1.50 -16.01
N GLN C 109 -8.87 0.42 -16.13
CA GLN C 109 -9.17 -0.81 -15.34
C GLN C 109 -9.06 -0.49 -13.86
N LEU C 110 -8.03 0.26 -13.47
CA LEU C 110 -7.84 0.62 -12.04
C LEU C 110 -9.05 1.45 -11.60
N LEU C 111 -9.50 2.38 -12.45
CA LEU C 111 -10.61 3.25 -12.07
C LEU C 111 -11.91 2.48 -12.00
N LYS C 112 -12.17 1.60 -12.97
CA LYS C 112 -13.38 0.80 -12.95
C LYS C 112 -13.38 -0.18 -11.79
N LYS C 113 -12.21 -0.77 -11.48
CA LYS C 113 -12.13 -1.72 -10.38
C LYS C 113 -12.42 -1.05 -9.04
N ASN C 114 -11.96 0.19 -8.86
CA ASN C 114 -12.14 0.93 -7.61
C ASN C 114 -13.47 1.65 -7.52
N GLY C 115 -14.33 1.52 -8.52
CA GLY C 115 -15.66 2.09 -8.46
C GLY C 115 -15.79 3.51 -8.97
N GLU C 116 -14.78 4.05 -9.64
CA GLU C 116 -14.83 5.41 -10.15
C GLU C 116 -15.62 5.44 -11.46
N ASN C 117 -16.36 6.54 -11.65
CA ASN C 117 -17.14 6.71 -12.91
C ASN C 117 -16.20 7.20 -14.01
N LEU C 118 -16.12 6.45 -15.11
CA LEU C 118 -15.22 6.80 -16.23
C LEU C 118 -15.65 8.13 -16.86
N ASP C 119 -16.95 8.40 -16.92
CA ASP C 119 -17.44 9.63 -17.62
C ASP C 119 -16.86 10.87 -16.96
N ASP C 120 -16.78 10.88 -15.62
CA ASP C 120 -16.26 12.06 -14.87
C ASP C 120 -14.78 12.28 -15.19
N TYR C 121 -14.08 11.24 -15.63
CA TYR C 121 -12.61 11.35 -15.84
C TYR C 121 -12.27 11.83 -17.26
N ASP C 122 -13.29 12.17 -18.07
CA ASP C 122 -13.05 12.71 -19.43
C ASP C 122 -12.23 11.72 -20.25
N VAL C 123 -12.53 10.42 -20.12
CA VAL C 123 -11.79 9.37 -20.88
C VAL C 123 -12.08 9.53 -22.37
N ASP C 124 -11.05 9.37 -23.20
CA ASP C 124 -11.21 9.48 -24.68
C ASP C 124 -10.40 8.36 -25.31
N SER C 125 -10.66 8.06 -26.58
CA SER C 125 -9.87 7.01 -27.29
C SER C 125 -8.41 7.41 -27.29
N ASP C 126 -8.13 8.70 -27.48
CA ASP C 126 -6.73 9.19 -27.52
C ASP C 126 -6.05 8.95 -26.17
N GLY C 127 -6.76 9.16 -25.05
CA GLY C 127 -6.20 8.94 -23.71
C GLY C 127 -7.13 9.46 -22.64
N ILE C 128 -6.71 9.47 -21.37
CA ILE C 128 -7.58 10.08 -20.32
C ILE C 128 -7.29 11.58 -20.32
N ASN C 129 -8.24 12.40 -20.75
CA ASN C 129 -8.01 13.87 -20.84
C ASN C 129 -7.79 14.50 -19.46
N ASN C 130 -8.57 14.09 -18.46
CA ASN C 130 -8.47 14.77 -17.13
C ASN C 130 -7.33 14.13 -16.34
N TYR C 131 -6.09 14.50 -16.65
CA TYR C 131 -4.97 14.01 -15.85
C TYR C 131 -5.00 14.55 -14.42
N ASP C 132 -5.71 15.66 -14.18
CA ASP C 132 -5.85 16.20 -12.83
C ASP C 132 -6.68 15.29 -11.94
N LYS C 133 -7.80 14.79 -12.45
CA LYS C 133 -8.59 13.83 -11.68
C LYS C 133 -7.80 12.56 -11.43
N LEU C 134 -6.95 12.16 -12.39
CA LEU C 134 -6.08 11.01 -12.19
C LEU C 134 -5.09 11.24 -11.05
N ASP C 135 -4.48 12.43 -10.98
CA ASP C 135 -3.59 12.72 -9.86
C ASP C 135 -4.37 12.74 -8.54
N GLU C 136 -5.56 13.32 -8.56
CA GLU C 136 -6.40 13.32 -7.36
C GLU C 136 -6.69 11.90 -6.90
N PHE C 137 -6.93 11.01 -7.85
CA PHE C 137 -7.12 9.60 -7.54
C PHE C 137 -5.85 8.96 -6.98
N ARG C 138 -4.69 9.34 -7.52
CA ARG C 138 -3.44 8.75 -7.05
C ARG C 138 -3.16 9.11 -5.60
N GLU C 139 -3.51 10.33 -5.19
CA GLU C 139 -3.38 10.71 -3.79
C GLU C 139 -4.42 10.01 -2.91
N SER C 140 -5.56 9.65 -3.49
CA SER C 140 -6.65 9.07 -2.72
C SER C 140 -6.42 7.57 -2.56
N ASP C 141 -7.09 7.01 -1.55
CA ASP C 141 -6.97 5.58 -1.30
C ASP C 141 -7.51 4.80 -2.49
N TYR C 142 -6.66 3.95 -3.06
CA TYR C 142 -7.01 3.14 -4.21
C TYR C 142 -6.75 1.68 -3.87
N VAL C 143 -7.29 0.79 -4.69
CA VAL C 143 -7.07 -0.65 -4.57
C VAL C 143 -6.20 -1.09 -5.73
N ASP C 144 -4.97 -1.50 -5.43
CA ASP C 144 -4.01 -1.83 -6.46
C ASP C 144 -4.47 -3.05 -7.28
N LEU C 145 -4.13 -3.03 -8.56
CA LEU C 145 -4.60 -4.08 -9.48
C LEU C 145 -4.04 -5.43 -9.08
N GLU C 146 -4.90 -6.45 -9.14
CA GLU C 146 -4.47 -7.83 -8.91
C GLU C 146 -3.82 -8.35 -10.18
N ASP C 147 -3.17 -9.51 -10.08
CA ASP C 147 -2.43 -10.04 -11.24
C ASP C 147 -3.36 -10.30 -12.43
N TYR C 148 -4.52 -10.93 -12.18
CA TYR C 148 -5.42 -11.23 -13.28
C TYR C 148 -5.88 -9.96 -13.97
N ASP C 149 -5.92 -8.83 -13.24
CA ASP C 149 -6.28 -7.56 -13.85
C ASP C 149 -5.31 -7.17 -14.96
N TYR C 150 -4.03 -7.53 -14.84
CA TYR C 150 -3.08 -7.25 -15.92
C TYR C 150 -3.39 -8.08 -17.15
N ARG C 151 -3.79 -9.34 -16.95
CA ARG C 151 -4.24 -10.17 -18.07
C ARG C 151 -5.48 -9.56 -18.75
N GLU C 152 -6.42 -9.07 -17.93
CA GLU C 152 -7.59 -8.38 -18.49
C GLU C 152 -7.17 -7.12 -19.23
N LEU C 153 -6.12 -6.44 -18.76
CA LEU C 153 -5.54 -5.32 -19.49
C LEU C 153 -5.10 -5.75 -20.88
N PHE C 154 -4.43 -6.89 -20.95
CA PHE C 154 -3.99 -7.41 -22.24
C PHE C 154 -5.18 -7.72 -23.15
N GLU C 155 -6.19 -8.40 -22.62
CA GLU C 155 -7.30 -8.87 -23.46
C GLU C 155 -8.24 -7.74 -23.89
N ASN C 156 -8.54 -6.80 -22.99
CA ASN C 156 -9.46 -5.72 -23.35
C ASN C 156 -8.90 -4.81 -24.44
N SER C 157 -7.58 -4.79 -24.63
CA SER C 157 -6.96 -3.91 -25.60
C SER C 157 -7.07 -4.51 -27.00
N SER C 158 -7.64 -3.73 -27.94
CA SER C 158 -7.81 -4.16 -29.32
C SER C 158 -7.32 -3.15 -30.36
N SER C 159 -7.04 -1.91 -29.97
CA SER C 159 -6.78 -0.84 -30.93
C SER C 159 -5.62 -1.16 -31.86
N GLN C 160 -4.53 -1.71 -31.32
CA GLN C 160 -3.40 -2.11 -32.14
C GLN C 160 -3.22 -3.64 -32.11
N VAL C 161 -2.92 -4.21 -30.96
CA VAL C 161 -2.81 -5.65 -30.81
C VAL C 161 -4.20 -6.20 -30.49
N TYR C 162 -4.71 -7.08 -31.36
CA TYR C 162 -6.11 -7.55 -31.18
C TYR C 162 -6.17 -9.07 -31.03
N TYR C 163 -5.21 -9.80 -31.60
CA TYR C 163 -5.30 -11.28 -31.57
C TYR C 163 -5.26 -11.75 -30.12
N HIS C 164 -4.36 -11.15 -29.31
CA HIS C 164 -4.23 -11.53 -27.88
C HIS C 164 -4.72 -12.95 -27.63
N SER D 1 -13.71 -16.00 -5.12
CA SER D 1 -14.67 -15.26 -4.31
C SER D 1 -13.97 -14.40 -3.27
N MET D 2 -12.88 -13.75 -3.68
CA MET D 2 -12.06 -13.01 -2.73
C MET D 2 -12.88 -12.04 -1.91
N ARG D 3 -12.62 -12.03 -0.61
CA ARG D 3 -13.39 -11.19 0.30
C ARG D 3 -13.22 -9.71 -0.01
N LYS D 4 -12.06 -9.31 -0.53
CA LYS D 4 -11.91 -7.92 -0.94
C LYS D 4 -12.97 -7.55 -1.97
N THR D 5 -13.14 -8.40 -2.98
CA THR D 5 -14.09 -8.11 -4.06
C THR D 5 -15.52 -8.03 -3.53
N ILE D 6 -15.91 -8.95 -2.65
CA ILE D 6 -17.28 -8.94 -2.14
C ILE D 6 -17.51 -7.75 -1.22
N GLU D 7 -16.51 -7.42 -0.40
CA GLU D 7 -16.63 -6.27 0.49
C GLU D 7 -16.68 -4.97 -0.29
N ARG D 8 -16.12 -4.94 -1.50
CA ARG D 8 -16.32 -3.78 -2.37
C ARG D 8 -17.78 -3.66 -2.80
N LEU D 9 -18.47 -4.78 -3.02
CA LEU D 9 -19.90 -4.71 -3.33
C LEU D 9 -20.70 -4.25 -2.13
N LEU D 10 -20.37 -4.77 -0.94
CA LEU D 10 -21.19 -4.44 0.25
C LEU D 10 -20.84 -3.04 0.76
N ASN D 11 -19.67 -2.53 0.39
CA ASN D 11 -19.27 -1.15 0.79
C ASN D 11 -19.70 -0.16 -0.29
N SER D 12 -20.27 -0.66 -1.39
CA SER D 12 -20.78 0.21 -2.47
C SER D 12 -22.08 0.88 -2.02
N GLU D 13 -22.48 1.97 -2.68
CA GLU D 13 -23.72 2.71 -2.32
C GLU D 13 -24.92 2.07 -3.02
N LEU D 14 -24.68 1.02 -3.80
CA LEU D 14 -25.78 0.32 -4.52
C LEU D 14 -26.77 -0.23 -3.49
N SER D 15 -28.08 -0.22 -3.80
CA SER D 15 -29.11 -0.62 -2.82
C SER D 15 -29.00 -2.12 -2.50
N SER D 16 -29.31 -2.49 -1.26
CA SER D 16 -29.28 -3.92 -0.87
C SER D 16 -30.32 -4.71 -1.64
N ASN D 17 -31.52 -4.15 -1.81
CA ASN D 17 -32.60 -4.84 -2.55
C ASN D 17 -32.19 -5.00 -4.02
N SER D 18 -31.55 -3.98 -4.60
CA SER D 18 -31.10 -4.04 -6.01
C SER D 18 -30.14 -5.22 -6.14
N ILE D 19 -29.18 -5.32 -5.22
CA ILE D 19 -28.19 -6.41 -5.26
C ILE D 19 -28.95 -7.72 -5.09
N ALA D 20 -29.88 -7.77 -4.14
CA ALA D 20 -30.60 -9.00 -3.87
C ALA D 20 -31.28 -9.53 -5.12
N VAL D 21 -31.75 -8.63 -5.99
CA VAL D 21 -32.44 -9.08 -7.20
C VAL D 21 -31.44 -9.45 -8.29
N ARG D 22 -30.38 -8.65 -8.49
CA ARG D 22 -29.47 -8.95 -9.58
C ARG D 22 -28.61 -10.18 -9.29
N THR D 23 -28.20 -10.35 -8.03
CA THR D 23 -27.31 -11.45 -7.68
C THR D 23 -28.08 -12.77 -7.53
N GLY D 24 -29.18 -12.74 -6.78
CA GLY D 24 -29.86 -13.95 -6.37
C GLY D 24 -29.76 -14.24 -4.88
N VAL D 25 -29.11 -13.37 -4.12
CA VAL D 25 -29.03 -13.48 -2.67
C VAL D 25 -30.20 -12.76 -2.05
N SER D 26 -30.71 -13.27 -0.94
CA SER D 26 -31.85 -12.62 -0.31
C SER D 26 -31.45 -11.26 0.25
N GLN D 27 -32.38 -10.31 0.13
CA GLN D 27 -32.11 -8.97 0.67
C GLN D 27 -31.81 -9.05 2.16
N ALA D 28 -32.45 -9.99 2.86
CA ALA D 28 -32.15 -10.21 4.26
C ALA D 28 -30.65 -10.39 4.47
N VAL D 29 -30.04 -11.25 3.64
CA VAL D 29 -28.61 -11.55 3.81
C VAL D 29 -27.77 -10.30 3.56
N ILE D 30 -28.07 -9.58 2.47
CA ILE D 30 -27.27 -8.40 2.11
C ILE D 30 -27.36 -7.37 3.22
N SER D 31 -28.58 -7.10 3.68
CA SER D 31 -28.82 -6.12 4.73
C SER D 31 -28.13 -6.52 6.03
N LYS D 32 -28.25 -7.79 6.41
CA LYS D 32 -27.67 -8.26 7.66
C LYS D 32 -26.15 -8.22 7.64
N LEU D 33 -25.54 -8.54 6.49
CA LEU D 33 -24.10 -8.38 6.35
C LEU D 33 -23.69 -6.91 6.47
N ARG D 34 -24.40 -6.01 5.77
CA ARG D 34 -24.00 -4.61 5.86
C ARG D 34 -24.24 -4.05 7.26
N ASN D 35 -25.22 -4.60 7.97
CA ASN D 35 -25.57 -4.07 9.32
C ASN D 35 -24.71 -4.75 10.39
N GLY D 36 -23.89 -5.72 10.02
CA GLY D 36 -22.99 -6.41 10.97
C GLY D 36 -23.67 -7.59 11.65
N LYS D 37 -24.94 -7.84 11.34
CA LYS D 37 -25.69 -8.96 11.95
C LYS D 37 -25.09 -10.30 11.49
N LYS D 38 -24.70 -10.40 10.23
CA LYS D 38 -24.12 -11.66 9.69
C LYS D 38 -22.64 -11.45 9.39
N GLU D 39 -21.92 -12.51 9.02
CA GLU D 39 -20.47 -12.41 8.73
C GLU D 39 -20.17 -12.97 7.34
N LEU D 40 -19.34 -12.27 6.57
CA LEU D 40 -19.01 -12.70 5.19
C LEU D 40 -18.30 -14.05 5.24
N GLY D 41 -17.47 -14.25 6.25
CA GLY D 41 -16.71 -15.51 6.37
C GLY D 41 -17.64 -16.69 6.51
N ASN D 42 -18.81 -16.49 7.13
CA ASN D 42 -19.74 -17.61 7.38
C ASN D 42 -20.65 -17.82 6.17
N LEU D 43 -20.56 -16.94 5.16
CA LEU D 43 -21.42 -17.06 3.95
C LEU D 43 -21.04 -18.31 3.16
N THR D 44 -22.03 -18.96 2.54
CA THR D 44 -21.77 -20.18 1.74
C THR D 44 -21.00 -19.82 0.47
N LEU D 45 -20.27 -20.78 -0.08
CA LEU D 45 -19.54 -20.55 -1.32
C LEU D 45 -20.49 -20.21 -2.46
N ASN D 46 -21.70 -20.76 -2.45
CA ASN D 46 -22.68 -20.40 -3.47
C ASN D 46 -23.04 -18.92 -3.39
N SER D 47 -23.31 -18.42 -2.17
CA SER D 47 -23.66 -17.01 -2.00
C SER D 47 -22.47 -16.09 -2.28
N ALA D 48 -21.28 -16.48 -1.83
CA ALA D 48 -20.09 -15.69 -2.13
C ALA D 48 -19.82 -15.63 -3.63
N GLU D 49 -20.00 -16.75 -4.33
CA GLU D 49 -19.83 -16.74 -5.79
C GLU D 49 -20.87 -15.85 -6.47
N LYS D 50 -22.12 -15.89 -5.99
CA LYS D 50 -23.16 -15.03 -6.56
C LYS D 50 -22.82 -13.56 -6.39
N LEU D 51 -22.35 -13.18 -5.20
CA LEU D 51 -21.96 -11.79 -4.98
C LEU D 51 -20.73 -11.43 -5.81
N PHE D 52 -19.79 -12.37 -5.92
CA PHE D 52 -18.55 -12.16 -6.66
C PHE D 52 -18.82 -11.90 -8.15
N GLU D 53 -19.77 -12.63 -8.73
CA GLU D 53 -20.05 -12.44 -10.16
C GLU D 53 -20.59 -11.05 -10.46
N TYR D 54 -21.52 -10.56 -9.64
CA TYR D 54 -22.08 -9.23 -9.91
C TYR D 54 -21.05 -8.15 -9.65
N GLN D 55 -20.24 -8.28 -8.60
CA GLN D 55 -19.23 -7.26 -8.37
C GLN D 55 -18.10 -7.32 -9.41
N LYS D 56 -17.83 -8.51 -9.97
CA LYS D 56 -16.88 -8.59 -11.08
C LYS D 56 -17.49 -8.01 -12.36
N GLU D 57 -18.81 -8.16 -12.55
CA GLU D 57 -19.47 -7.51 -13.66
C GLU D 57 -19.36 -5.98 -13.55
N MET D 58 -19.59 -5.45 -12.36
CA MET D 58 -19.60 -4.00 -12.21
C MET D 58 -18.22 -3.38 -12.45
N GLU D 59 -17.16 -4.16 -12.23
CA GLU D 59 -15.79 -3.71 -12.43
C GLU D 59 -15.23 -4.03 -13.81
N LYS D 60 -15.99 -4.73 -14.65
CA LYS D 60 -15.53 -5.03 -16.00
C LYS D 60 -15.44 -3.76 -16.84
N VAL D 61 -14.44 -3.69 -17.69
CA VAL D 61 -14.13 -2.48 -18.45
C VAL D 61 -14.88 -2.52 -19.78
N ASP D 62 -15.79 -1.56 -19.97
CA ASP D 62 -16.58 -1.48 -21.19
C ASP D 62 -15.66 -1.17 -22.37
N THR D 63 -16.01 -1.71 -23.54
CA THR D 63 -15.30 -1.45 -24.79
C THR D 63 -16.30 -1.08 -25.88
N TRP D 64 -16.05 0.04 -26.58
CA TRP D 64 -16.89 0.46 -27.70
C TRP D 64 -16.02 0.80 -28.90
N ILE D 65 -16.35 0.19 -30.04
CA ILE D 65 -15.50 0.34 -31.26
C ILE D 65 -16.27 1.10 -32.34
N VAL D 66 -15.68 2.17 -32.87
CA VAL D 66 -16.30 2.93 -34.00
C VAL D 66 -15.43 2.67 -35.23
N TYR D 67 -16.04 2.24 -36.34
CA TYR D 67 -15.24 1.89 -37.54
C TYR D 67 -15.47 2.91 -38.66
N ARG D 68 -14.39 3.44 -39.23
CA ARG D 68 -14.53 4.36 -40.38
C ARG D 68 -13.82 3.73 -41.58
N GLY D 69 -14.55 3.55 -42.68
CA GLY D 69 -13.95 2.98 -43.90
C GLY D 69 -13.98 3.96 -45.05
N ARG D 70 -12.88 4.07 -45.80
CA ARG D 70 -12.84 4.97 -46.98
C ARG D 70 -12.53 4.13 -48.21
N THR D 71 -13.23 4.37 -49.31
CA THR D 71 -13.01 3.61 -50.57
C THR D 71 -11.66 4.03 -51.15
N ALA D 72 -11.15 3.27 -52.13
CA ALA D 72 -9.88 3.65 -52.78
C ALA D 72 -10.07 5.04 -53.41
N ASP D 73 -11.25 5.32 -53.95
CA ASP D 73 -11.53 6.66 -54.53
C ASP D 73 -11.39 7.70 -53.40
N MET D 74 -11.87 7.37 -52.20
CA MET D 74 -11.73 8.26 -51.01
C MET D 74 -12.70 9.44 -51.09
N ASN D 75 -13.65 9.41 -52.01
CA ASN D 75 -14.71 10.45 -52.05
C ASN D 75 -15.89 9.88 -51.27
N LYS D 76 -15.77 8.63 -50.81
CA LYS D 76 -16.87 7.96 -50.07
C LYS D 76 -16.39 7.60 -48.67
N SER D 77 -17.20 7.87 -47.65
CA SER D 77 -16.81 7.55 -46.25
C SER D 77 -17.94 6.82 -45.53
N TYR D 78 -17.64 5.67 -44.93
CA TYR D 78 -18.62 4.87 -44.20
C TYR D 78 -18.24 4.89 -42.73
N ILE D 79 -19.24 4.91 -41.85
CA ILE D 79 -19.00 4.86 -40.42
C ILE D 79 -19.94 3.82 -39.81
N ALA D 80 -19.41 3.02 -38.89
CA ALA D 80 -20.17 2.00 -38.18
C ALA D 80 -19.88 2.10 -36.71
N GLU D 81 -20.80 1.60 -35.88
CA GLU D 81 -20.63 1.61 -34.44
C GLU D 81 -21.01 0.25 -33.88
N GLY D 82 -20.21 -0.25 -32.94
CA GLY D 82 -20.54 -1.52 -32.31
C GLY D 82 -19.85 -1.64 -30.98
N SER D 83 -20.20 -2.72 -30.27
CA SER D 83 -19.54 -3.09 -29.03
C SER D 83 -18.55 -4.22 -29.22
N THR D 84 -18.76 -5.09 -30.20
CA THR D 84 -17.81 -6.12 -30.58
C THR D 84 -17.57 -6.01 -32.08
N TYR D 85 -16.45 -6.58 -32.54
CA TYR D 85 -16.15 -6.54 -33.96
C TYR D 85 -17.23 -7.24 -34.79
N GLU D 86 -17.83 -8.31 -34.24
CA GLU D 86 -18.97 -8.93 -34.90
C GLU D 86 -20.17 -7.97 -34.93
N GLU D 87 -20.37 -7.20 -33.87
CA GLU D 87 -21.44 -6.20 -33.86
C GLU D 87 -21.21 -5.09 -34.88
N VAL D 88 -19.95 -4.64 -35.02
CA VAL D 88 -19.61 -3.67 -36.05
C VAL D 88 -19.90 -4.24 -37.43
N TYR D 89 -19.53 -5.51 -37.66
CA TYR D 89 -19.80 -6.13 -38.95
C TYR D 89 -21.30 -6.21 -39.23
N ASN D 90 -22.09 -6.57 -38.20
CA ASN D 90 -23.54 -6.66 -38.39
C ASN D 90 -24.16 -5.30 -38.70
N ASN D 91 -23.71 -4.25 -38.02
CA ASN D 91 -24.20 -2.91 -38.33
C ASN D 91 -23.82 -2.50 -39.75
N PHE D 92 -22.60 -2.83 -40.17
CA PHE D 92 -22.16 -2.47 -41.53
C PHE D 92 -22.97 -3.20 -42.60
N VAL D 93 -23.26 -4.49 -42.38
CA VAL D 93 -24.04 -5.23 -43.37
C VAL D 93 -25.49 -4.77 -43.37
N ASP D 94 -26.00 -4.29 -42.23
CA ASP D 94 -27.37 -3.78 -42.20
C ASP D 94 -27.49 -2.45 -42.93
N LYS D 95 -26.65 -1.47 -42.55
CA LYS D 95 -26.80 -0.12 -43.09
C LYS D 95 -26.33 -0.03 -44.53
N TYR D 96 -25.19 -0.64 -44.85
CA TYR D 96 -24.54 -0.44 -46.14
C TYR D 96 -24.59 -1.65 -47.07
N GLY D 97 -25.01 -2.82 -46.57
CA GLY D 97 -25.11 -3.99 -47.42
C GLY D 97 -23.78 -4.69 -47.62
N TYR D 98 -23.84 -5.81 -48.33
CA TYR D 98 -22.67 -6.65 -48.58
C TYR D 98 -21.94 -6.27 -49.87
N ASP D 99 -22.41 -5.24 -50.59
CA ASP D 99 -21.81 -4.89 -51.88
C ASP D 99 -20.39 -4.34 -51.70
N VAL D 100 -20.16 -3.57 -50.65
CA VAL D 100 -18.83 -2.98 -50.43
C VAL D 100 -17.81 -4.07 -50.13
N LEU D 101 -18.21 -5.08 -49.34
CA LEU D 101 -17.31 -6.17 -48.98
C LEU D 101 -17.06 -7.10 -50.16
N ASP D 102 -15.96 -7.83 -50.08
CA ASP D 102 -15.60 -8.80 -51.11
C ASP D 102 -16.55 -9.99 -51.08
N GLU D 103 -16.62 -10.69 -52.22
CA GLU D 103 -17.59 -11.78 -52.37
C GLU D 103 -17.33 -12.91 -51.39
N ASP D 104 -16.06 -13.31 -51.25
CA ASP D 104 -15.69 -14.49 -50.47
C ASP D 104 -14.74 -14.13 -49.34
N ILE D 105 -14.96 -12.98 -48.70
CA ILE D 105 -14.15 -12.64 -47.53
C ILE D 105 -14.45 -13.58 -46.36
N TYR D 106 -15.73 -13.93 -46.20
CA TYR D 106 -16.11 -14.90 -45.16
C TYR D 106 -15.47 -16.26 -45.43
N GLU D 107 -15.49 -16.70 -46.70
CA GLU D 107 -14.84 -17.96 -47.05
C GLU D 107 -13.34 -17.90 -46.82
N ILE D 108 -12.72 -16.75 -47.08
CA ILE D 108 -11.29 -16.59 -46.86
C ILE D 108 -10.96 -16.73 -45.39
N GLN D 109 -11.76 -16.09 -44.52
CA GLN D 109 -11.54 -16.25 -43.09
C GLN D 109 -11.74 -17.70 -42.65
N LEU D 110 -12.75 -18.38 -43.21
CA LEU D 110 -13.00 -19.77 -42.86
C LEU D 110 -11.83 -20.66 -43.26
N LEU D 111 -11.25 -20.42 -44.44
CA LEU D 111 -10.07 -21.18 -44.85
C LEU D 111 -8.89 -20.89 -43.95
N LYS D 112 -8.73 -19.63 -43.53
CA LYS D 112 -7.62 -19.26 -42.64
C LYS D 112 -7.74 -19.97 -41.29
N LYS D 113 -8.97 -20.10 -40.78
CA LYS D 113 -9.27 -20.69 -39.45
C LYS D 113 -8.17 -21.52 -38.80
N LEU D 145 -16.27 -18.63 -36.53
CA LEU D 145 -15.39 -17.48 -36.57
C LEU D 145 -15.38 -16.75 -35.23
N GLU D 146 -14.19 -16.37 -34.77
CA GLU D 146 -14.05 -15.62 -33.54
C GLU D 146 -14.24 -14.13 -33.79
N ASP D 147 -14.09 -13.32 -32.73
CA ASP D 147 -14.29 -11.85 -32.86
C ASP D 147 -13.08 -11.22 -33.56
N TYR D 148 -11.89 -11.81 -33.37
CA TYR D 148 -10.67 -11.27 -34.02
C TYR D 148 -10.84 -11.38 -35.53
N ASP D 149 -11.60 -12.39 -35.97
CA ASP D 149 -11.79 -12.61 -37.43
C ASP D 149 -12.47 -11.40 -38.04
N TYR D 150 -13.43 -10.79 -37.34
CA TYR D 150 -14.20 -9.67 -37.94
C TYR D 150 -13.29 -8.49 -38.28
N ARG D 151 -12.36 -8.13 -37.39
CA ARG D 151 -11.41 -7.04 -37.72
C ARG D 151 -10.56 -7.46 -38.92
N GLU D 152 -10.11 -8.71 -38.93
CA GLU D 152 -9.25 -9.20 -40.03
C GLU D 152 -10.04 -9.12 -41.33
N LEU D 153 -11.34 -9.42 -41.28
CA LEU D 153 -12.19 -9.40 -42.50
C LEU D 153 -12.22 -7.97 -43.05
N PHE D 154 -12.36 -6.97 -42.17
CA PHE D 154 -12.37 -5.56 -42.63
C PHE D 154 -11.02 -5.23 -43.26
N GLU D 155 -9.92 -5.64 -42.61
CA GLU D 155 -8.56 -5.31 -43.10
C GLU D 155 -8.27 -6.00 -44.45
N ASN D 156 -8.70 -7.25 -44.63
CA ASN D 156 -8.33 -8.01 -45.85
C ASN D 156 -9.32 -7.78 -46.99
N SER D 157 -10.13 -6.72 -46.94
CA SER D 157 -11.02 -6.42 -48.06
C SER D 157 -10.42 -5.28 -48.89
N SER D 158 -9.73 -5.64 -49.97
CA SER D 158 -9.06 -4.64 -50.80
C SER D 158 -10.05 -3.89 -51.70
N SER D 159 -11.02 -4.59 -52.26
CA SER D 159 -11.94 -3.97 -53.21
C SER D 159 -12.93 -3.04 -52.51
N GLN D 160 -13.41 -2.04 -53.25
CA GLN D 160 -14.29 -0.98 -52.73
C GLN D 160 -13.55 -0.27 -51.60
N VAL D 161 -14.00 -0.35 -50.35
CA VAL D 161 -13.30 0.25 -49.23
C VAL D 161 -11.87 -0.29 -49.16
N TYR D 162 -10.88 0.61 -49.13
CA TYR D 162 -9.48 0.23 -49.11
C TYR D 162 -8.71 0.85 -47.96
N TYR D 163 -9.29 1.82 -47.24
CA TYR D 163 -8.67 2.40 -46.05
C TYR D 163 -9.58 2.15 -44.85
N HIS D 164 -9.06 1.50 -43.82
CA HIS D 164 -9.84 1.10 -42.64
C HIS D 164 -9.21 1.64 -41.37
N GLU D 165 -10.01 2.33 -40.56
CA GLU D 165 -9.58 2.91 -39.30
C GLU D 165 -10.52 2.44 -38.19
N PHE D 166 -9.95 1.93 -37.11
CA PHE D 166 -10.73 1.43 -35.98
C PHE D 166 -10.46 2.29 -34.76
N GLU D 167 -11.50 2.92 -34.23
CA GLU D 167 -11.42 3.71 -33.01
C GLU D 167 -11.94 2.87 -31.85
N ILE D 168 -11.15 2.81 -30.78
CA ILE D 168 -11.50 2.04 -29.59
C ILE D 168 -11.55 3.00 -28.41
N THR D 169 -12.71 3.04 -27.73
CA THR D 169 -12.85 3.86 -26.53
C THR D 169 -13.50 3.03 -25.43
N HIS D 170 -12.91 3.04 -24.25
CA HIS D 170 -13.43 2.33 -23.08
C HIS D 170 -14.12 3.33 -22.14
N GLU D 171 -15.34 3.72 -22.52
CA GLU D 171 -16.12 4.64 -21.71
C GLU D 171 -16.96 3.89 -20.68
#